data_5H3E
#
_entry.id   5H3E
#
_cell.length_a   58.150
_cell.length_b   58.150
_cell.length_c   206.915
_cell.angle_alpha   90.00
_cell.angle_beta   90.00
_cell.angle_gamma   120.00
#
_symmetry.space_group_name_H-M   'P 32'
#
loop_
_entity.id
_entity.type
_entity.pdbx_description
1 polymer 'Isocitrate dehydrogenase [NADP], mitochondrial'
2 non-polymer 'MAGNESIUM ION'
3 non-polymer 'ISOCITRIC ACID'
4 water water
#
_entity_poly.entity_id   1
_entity_poly.type   'polypeptide(L)'
_entity_poly.pdbx_seq_one_letter_code
;MAEKRIKVEKPVVEMDGDEMTRIIWQFIKEKLILPHVDVQLKYFDLGLPNRDQTNDQVTIDSALATQKYSVAVKCATITP
DEARVEEFKLKKMWKSPNGTIRNILGGTVFREPIICKNIPRLVPGWTKPITIGRHAHGDQYKATDFVVDRAGTFKLVFTP
KDGSSAKEWEVYNFPAGGVGMGMYNTDESISGFAHSCFQYSIQKKWPLYLSTKNTILQAYDGRFKDIFQEIFDKHYKTDF
DKNKIWYEHRLIDDMVAQVLKSSGGFVWACKNYDGDVQSDILAQGFGSLGLMTSVLVCPDGKTIEAEAAHGTVTRHYREH
QKGRPTSTNPIASIFAWTRGLEHRGKLDGNQDLIRFAQTLEKVCVQTVESGAMTKDLAGCIHGLSNVKLNEHFLNTTDFL
DTIKSNLDRALGKQLEHHHHHH
;
_entity_poly.pdbx_strand_id   A,B
#
loop_
_chem_comp.id
_chem_comp.type
_chem_comp.name
_chem_comp.formula
ICT non-polymer 'ISOCITRIC ACID' 'C6 H8 O7'
MG non-polymer 'MAGNESIUM ION' 'Mg 2'
#
# COMPACT_ATOMS: atom_id res chain seq x y z
N LYS A 4 30.87 -16.28 31.91
CA LYS A 4 31.66 -15.03 31.66
C LYS A 4 30.96 -14.12 30.65
N ARG A 5 31.05 -12.81 30.87
CA ARG A 5 30.47 -11.82 29.98
C ARG A 5 31.36 -11.64 28.75
N ILE A 6 30.74 -11.45 27.59
CA ILE A 6 31.48 -11.27 26.34
C ILE A 6 31.97 -9.82 26.24
N LYS A 7 33.30 -9.66 26.13
CA LYS A 7 33.92 -8.34 25.98
C LYS A 7 33.74 -7.83 24.56
N VAL A 8 33.18 -6.64 24.43
CA VAL A 8 33.01 -5.96 23.14
C VAL A 8 33.92 -4.74 23.15
N GLU A 9 34.77 -4.59 22.13
CA GLU A 9 35.78 -3.54 22.13
C GLU A 9 35.23 -2.19 21.69
N LYS A 10 34.45 -2.17 20.60
CA LYS A 10 33.95 -0.91 20.01
C LYS A 10 32.53 -0.59 20.45
N PRO A 11 32.16 0.71 20.43
CA PRO A 11 30.88 1.09 21.02
C PRO A 11 29.64 0.72 20.19
N VAL A 12 28.50 0.67 20.87
CA VAL A 12 27.18 0.58 20.24
C VAL A 12 26.43 1.87 20.57
N VAL A 13 25.83 2.49 19.57
CA VAL A 13 24.95 3.65 19.78
C VAL A 13 23.59 3.12 20.22
N GLU A 14 23.07 3.70 21.31
CA GLU A 14 21.78 3.32 21.86
C GLU A 14 20.85 4.54 21.87
N MET A 15 19.68 4.38 21.26
CA MET A 15 18.69 5.45 21.14
C MET A 15 17.47 5.12 22.01
N ASP A 16 17.26 5.91 23.05
CA ASP A 16 16.16 5.67 24.00
C ASP A 16 14.84 6.15 23.40
N GLY A 17 13.73 5.58 23.87
CA GLY A 17 12.40 5.83 23.28
C GLY A 17 11.37 6.36 24.25
N ASP A 18 10.11 5.99 24.03
CA ASP A 18 8.96 6.59 24.70
C ASP A 18 8.00 5.59 25.34
N GLU A 19 7.34 6.03 26.41
CA GLU A 19 6.21 5.34 27.03
C GLU A 19 6.52 3.86 27.38
N MET A 20 5.70 2.91 26.95
CA MET A 20 5.85 1.52 27.40
C MET A 20 7.06 0.83 26.75
N THR A 21 7.42 1.22 25.54
CA THR A 21 8.61 0.70 24.87
C THR A 21 9.89 1.11 25.62
N ARG A 22 9.95 2.37 26.07
CA ARG A 22 11.05 2.86 26.92
C ARG A 22 11.27 2.00 28.16
N ILE A 23 10.18 1.57 28.79
CA ILE A 23 10.28 0.76 30.02
C ILE A 23 10.73 -0.66 29.72
N ILE A 24 10.14 -1.31 28.70
CA ILE A 24 10.59 -2.66 28.31
C ILE A 24 12.01 -2.67 27.73
N TRP A 25 12.39 -1.58 27.06
CA TRP A 25 13.76 -1.38 26.56
C TRP A 25 14.78 -1.50 27.69
N GLN A 26 14.43 -0.96 28.85
CA GLN A 26 15.27 -1.02 30.05
C GLN A 26 15.29 -2.43 30.67
N PHE A 27 14.13 -3.08 30.76
CA PHE A 27 14.07 -4.47 31.26
C PHE A 27 14.91 -5.43 30.41
N ILE A 28 14.79 -5.30 29.09
CA ILE A 28 15.55 -6.12 28.14
C ILE A 28 17.06 -5.94 28.36
N LYS A 29 17.46 -4.68 28.52
CA LYS A 29 18.85 -4.34 28.80
C LYS A 29 19.34 -4.96 30.12
N GLU A 30 18.51 -4.88 31.16
CA GLU A 30 18.83 -5.41 32.49
C GLU A 30 18.84 -6.93 32.56
N LYS A 31 17.77 -7.55 32.06
CA LYS A 31 17.55 -8.99 32.23
C LYS A 31 18.27 -9.86 31.20
N LEU A 32 18.39 -9.38 29.96
CA LEU A 32 18.89 -10.21 28.85
C LEU A 32 20.28 -9.83 28.32
N ILE A 33 20.51 -8.53 28.10
CA ILE A 33 21.71 -8.07 27.37
C ILE A 33 22.95 -7.90 28.26
N LEU A 34 22.87 -6.99 29.22
CA LEU A 34 24.04 -6.59 30.04
C LEU A 34 24.64 -7.69 30.93
N PRO A 35 23.81 -8.58 31.51
CA PRO A 35 24.36 -9.74 32.25
C PRO A 35 25.26 -10.68 31.43
N HIS A 36 25.13 -10.65 30.10
CA HIS A 36 25.96 -11.48 29.21
C HIS A 36 26.98 -10.71 28.35
N VAL A 37 26.78 -9.41 28.15
CA VAL A 37 27.63 -8.64 27.24
C VAL A 37 28.17 -7.38 27.93
N ASP A 38 29.50 -7.27 27.94
CA ASP A 38 30.20 -6.08 28.41
C ASP A 38 30.41 -5.18 27.18
N VAL A 39 29.47 -4.27 26.96
CA VAL A 39 29.48 -3.38 25.79
C VAL A 39 29.49 -1.91 26.21
N GLN A 40 30.23 -1.10 25.46
CA GLN A 40 30.33 0.35 25.67
C GLN A 40 29.18 1.02 24.92
N LEU A 41 28.23 1.58 25.67
CA LEU A 41 27.02 2.17 25.08
C LEU A 41 27.17 3.69 24.91
N LYS A 42 26.85 4.18 23.71
CA LYS A 42 26.86 5.61 23.40
C LYS A 42 25.41 6.11 23.42
N TYR A 43 25.01 6.64 24.57
CA TYR A 43 23.59 6.91 24.85
C TYR A 43 23.08 8.21 24.22
N PHE A 44 21.91 8.14 23.59
CA PHE A 44 21.15 9.30 23.14
C PHE A 44 19.69 9.12 23.49
N ASP A 45 19.12 10.07 24.24
CA ASP A 45 17.72 10.01 24.63
C ASP A 45 16.87 10.64 23.54
N LEU A 46 16.23 9.80 22.72
CA LEU A 46 15.24 10.26 21.75
C LEU A 46 13.81 10.11 22.27
N GLY A 47 13.64 10.05 23.59
CA GLY A 47 12.35 10.27 24.22
C GLY A 47 11.85 11.65 23.86
N LEU A 48 10.54 11.79 23.76
CA LEU A 48 9.92 13.02 23.29
C LEU A 48 10.19 14.24 24.18
N PRO A 49 10.28 14.06 25.52
CA PRO A 49 10.65 15.19 26.38
C PRO A 49 12.03 15.78 26.09
N ASN A 50 13.01 14.90 25.89
CA ASN A 50 14.38 15.32 25.59
C ASN A 50 14.57 15.87 24.18
N ARG A 51 13.83 15.32 23.22
CA ARG A 51 13.78 15.89 21.86
C ARG A 51 13.26 17.32 21.89
N ASP A 52 12.26 17.59 22.73
CA ASP A 52 11.77 18.95 22.91
C ASP A 52 12.80 19.83 23.61
N GLN A 53 13.41 19.31 24.68
CA GLN A 53 14.44 20.03 25.45
C GLN A 53 15.62 20.47 24.59
N THR A 54 16.09 19.60 23.70
CA THR A 54 17.24 19.89 22.82
C THR A 54 16.86 20.50 21.45
N ASN A 55 15.60 20.91 21.28
CA ASN A 55 15.08 21.36 19.99
C ASN A 55 15.32 20.34 18.85
N ASP A 56 15.18 19.06 19.22
CA ASP A 56 15.35 17.91 18.34
C ASP A 56 16.78 17.71 17.79
N GLN A 57 17.77 18.34 18.44
CA GLN A 57 19.18 18.22 18.04
C GLN A 57 19.76 16.86 18.44
N VAL A 58 19.29 16.32 19.57
CA VAL A 58 19.68 14.97 20.03
C VAL A 58 19.46 13.88 18.97
N THR A 59 18.41 14.05 18.17
CA THR A 59 18.09 13.15 17.06
C THR A 59 19.14 13.20 15.94
N ILE A 60 19.61 14.40 15.59
CA ILE A 60 20.66 14.57 14.58
C ILE A 60 22.00 13.99 15.05
N ASP A 61 22.35 14.25 16.32
CA ASP A 61 23.59 13.73 16.91
C ASP A 61 23.60 12.21 17.03
N SER A 62 22.46 11.61 17.36
CA SER A 62 22.33 10.14 17.41
C SER A 62 22.64 9.51 16.04
N ALA A 63 22.16 10.16 14.98
CA ALA A 63 22.45 9.75 13.60
C ALA A 63 23.92 9.93 13.23
N LEU A 64 24.49 11.08 13.58
CA LEU A 64 25.93 11.36 13.33
C LEU A 64 26.82 10.40 14.12
N ALA A 65 26.42 10.08 15.34
CA ALA A 65 27.11 9.07 16.15
C ALA A 65 27.05 7.69 15.52
N THR A 66 25.91 7.35 14.93
CA THR A 66 25.74 6.08 14.21
C THR A 66 26.68 5.97 12.99
N GLN A 67 26.84 7.06 12.25
CA GLN A 67 27.83 7.14 11.15
C GLN A 67 29.27 6.94 11.64
N LYS A 68 29.58 7.40 12.86
CA LYS A 68 30.91 7.28 13.45
C LYS A 68 31.23 5.86 13.92
N TYR A 69 30.34 5.31 14.76
CA TYR A 69 30.56 4.02 15.42
C TYR A 69 29.94 2.81 14.71
N SER A 70 29.10 3.07 13.70
CA SER A 70 28.63 2.06 12.72
C SER A 70 27.50 1.11 13.15
N VAL A 71 27.08 1.17 14.42
CA VAL A 71 25.95 0.34 14.89
C VAL A 71 25.08 1.14 15.85
N ALA A 72 23.81 1.31 15.49
CA ALA A 72 22.81 1.88 16.40
C ALA A 72 21.73 0.85 16.72
N VAL A 73 21.16 0.97 17.91
CA VAL A 73 19.97 0.22 18.30
C VAL A 73 18.95 1.21 18.86
N LYS A 74 17.72 1.17 18.35
CA LYS A 74 16.73 2.20 18.61
C LYS A 74 15.45 1.65 19.24
N CYS A 75 14.95 2.38 20.23
CA CYS A 75 13.68 2.12 20.89
C CYS A 75 12.59 2.88 20.13
N ALA A 76 11.35 2.39 20.18
CA ALA A 76 10.24 3.05 19.49
C ALA A 76 9.94 4.41 20.10
N THR A 77 9.71 5.40 19.24
CA THR A 77 9.49 6.79 19.65
C THR A 77 8.13 7.29 19.18
N ILE A 78 7.68 8.39 19.80
CA ILE A 78 6.45 9.07 19.41
C ILE A 78 6.78 10.08 18.31
N THR A 79 6.08 9.97 17.19
CA THR A 79 6.00 11.04 16.20
C THR A 79 4.77 11.86 16.58
N PRO A 80 4.96 13.10 17.05
CA PRO A 80 3.86 13.86 17.64
C PRO A 80 2.87 14.43 16.63
N ASP A 81 1.62 14.56 17.06
CA ASP A 81 0.54 15.21 16.32
C ASP A 81 0.08 16.41 17.16
N GLU A 82 -1.11 16.97 16.87
CA GLU A 82 -1.70 18.01 17.72
C GLU A 82 -1.86 17.57 19.18
N ALA A 83 -2.39 16.35 19.37
CA ALA A 83 -2.68 15.81 20.71
C ALA A 83 -1.42 15.71 21.57
N ARG A 84 -0.34 15.18 20.99
CA ARG A 84 0.94 15.05 21.68
C ARG A 84 1.59 16.40 21.99
N VAL A 85 1.43 17.37 21.08
CA VAL A 85 1.91 18.74 21.29
C VAL A 85 1.24 19.37 22.53
N GLU A 86 -0.06 19.14 22.70
CA GLU A 86 -0.79 19.62 23.88
C GLU A 86 -0.44 18.81 25.14
N GLU A 87 -0.30 17.50 25.01
CA GLU A 87 0.01 16.60 26.14
C GLU A 87 1.41 16.83 26.72
N PHE A 88 2.42 16.84 25.83
CA PHE A 88 3.82 17.07 26.24
C PHE A 88 4.21 18.56 26.32
N LYS A 89 3.30 19.46 25.94
CA LYS A 89 3.57 20.91 25.89
C LYS A 89 4.81 21.20 25.03
N LEU A 90 4.77 20.69 23.80
CA LEU A 90 5.88 20.83 22.86
C LEU A 90 5.86 22.22 22.25
N LYS A 91 7.04 22.76 21.98
CA LYS A 91 7.17 24.10 21.37
C LYS A 91 7.08 24.04 19.83
N LYS A 92 7.36 22.88 19.25
CA LYS A 92 7.12 22.60 17.82
C LYS A 92 6.53 21.19 17.67
N MET A 93 5.76 20.96 16.61
CA MET A 93 5.33 19.60 16.26
C MET A 93 6.51 18.93 15.54
N TRP A 94 7.43 18.38 16.33
CA TRP A 94 8.70 17.86 15.82
C TRP A 94 8.48 16.71 14.83
N LYS A 95 9.31 16.68 13.78
CA LYS A 95 9.22 15.63 12.75
C LYS A 95 9.62 14.26 13.29
N SER A 96 9.20 13.22 12.58
CA SER A 96 9.55 11.83 12.91
C SER A 96 11.07 11.65 13.10
N PRO A 97 11.49 11.15 14.29
CA PRO A 97 12.90 10.78 14.51
C PRO A 97 13.43 9.76 13.51
N ASN A 98 12.56 8.82 13.13
CA ASN A 98 12.92 7.75 12.21
C ASN A 98 13.24 8.32 10.83
N GLY A 99 12.33 9.14 10.30
CA GLY A 99 12.56 9.86 9.04
C GLY A 99 13.83 10.70 9.01
N THR A 100 14.13 11.36 10.12
CA THR A 100 15.34 12.18 10.24
C THR A 100 16.62 11.34 10.22
N ILE A 101 16.63 10.25 10.99
CA ILE A 101 17.79 9.34 11.05
C ILE A 101 18.01 8.62 9.71
N ARG A 102 16.92 8.18 9.07
CA ARG A 102 17.01 7.50 7.77
C ARG A 102 17.51 8.40 6.65
N ASN A 103 17.06 9.66 6.64
CA ASN A 103 17.52 10.65 5.66
C ASN A 103 19.02 10.91 5.72
N ILE A 104 19.54 11.05 6.93
CA ILE A 104 20.95 11.35 7.16
C ILE A 104 21.82 10.15 6.77
N LEU A 105 21.45 8.98 7.28
CA LEU A 105 22.22 7.75 7.05
C LEU A 105 22.02 7.17 5.64
N GLY A 106 20.80 7.24 5.13
CA GLY A 106 20.46 6.67 3.83
C GLY A 106 20.36 5.16 3.86
N GLY A 107 20.05 4.57 2.71
CA GLY A 107 20.05 3.12 2.54
C GLY A 107 18.67 2.48 2.50
N THR A 108 18.60 1.21 2.92
CA THR A 108 17.42 0.38 2.79
C THR A 108 17.04 -0.21 4.13
N VAL A 109 15.76 -0.12 4.48
CA VAL A 109 15.23 -0.75 5.69
C VAL A 109 14.69 -2.14 5.33
N PHE A 110 15.42 -3.17 5.72
CA PHE A 110 15.01 -4.55 5.49
C PHE A 110 14.11 -4.99 6.64
N ARG A 111 12.95 -5.54 6.30
CA ARG A 111 11.97 -5.99 7.26
C ARG A 111 11.48 -7.38 6.91
N GLU A 112 11.36 -8.23 7.93
CA GLU A 112 10.96 -9.63 7.75
C GLU A 112 10.31 -10.16 9.03
N PRO A 113 9.47 -11.20 8.92
CA PRO A 113 8.78 -11.72 10.10
C PRO A 113 9.69 -12.52 11.03
N ILE A 114 9.23 -12.69 12.27
CA ILE A 114 9.84 -13.57 13.26
C ILE A 114 8.84 -14.72 13.42
N ILE A 115 9.11 -15.81 12.70
CA ILE A 115 8.14 -16.90 12.58
C ILE A 115 8.16 -17.78 13.83
N CYS A 116 7.03 -17.82 14.54
CA CYS A 116 6.82 -18.77 15.63
C CYS A 116 5.81 -19.80 15.16
N LYS A 117 6.23 -21.07 15.09
CA LYS A 117 5.40 -22.21 14.67
C LYS A 117 3.94 -22.18 15.14
N ASN A 118 3.73 -21.88 16.42
CA ASN A 118 2.38 -21.91 17.02
C ASN A 118 1.51 -20.65 16.84
N ILE A 119 2.10 -19.56 16.34
CA ILE A 119 1.35 -18.34 16.05
C ILE A 119 0.80 -18.42 14.62
N PRO A 120 -0.54 -18.47 14.47
CA PRO A 120 -1.13 -18.74 13.17
C PRO A 120 -1.01 -17.59 12.18
N ARG A 121 -0.72 -17.93 10.93
CA ARG A 121 -0.70 -16.95 9.85
C ARG A 121 -2.13 -16.55 9.50
N LEU A 122 -2.32 -15.30 9.08
CA LEU A 122 -3.61 -14.83 8.55
C LEU A 122 -3.72 -15.03 7.03
N VAL A 123 -2.58 -15.14 6.36
CA VAL A 123 -2.52 -15.52 4.95
C VAL A 123 -1.99 -16.97 4.89
N PRO A 124 -2.89 -17.98 4.84
CA PRO A 124 -2.47 -19.39 4.78
C PRO A 124 -1.40 -19.76 3.76
N GLY A 125 -1.41 -19.13 2.58
CA GLY A 125 -0.49 -19.47 1.50
C GLY A 125 1.00 -19.24 1.73
N TRP A 126 1.36 -18.24 2.54
CA TRP A 126 2.77 -17.90 2.77
C TRP A 126 3.51 -18.96 3.58
N THR A 127 3.96 -20.01 2.90
CA THR A 127 4.72 -21.10 3.53
C THR A 127 6.17 -20.71 3.83
N LYS A 128 6.75 -19.85 2.99
CA LYS A 128 8.10 -19.30 3.21
C LYS A 128 8.01 -17.81 3.54
N PRO A 129 9.02 -17.27 4.27
CA PRO A 129 9.01 -15.83 4.57
C PRO A 129 9.28 -14.93 3.36
N ILE A 130 8.90 -13.66 3.51
CA ILE A 130 9.14 -12.59 2.52
C ILE A 130 9.94 -11.51 3.22
N THR A 131 10.82 -10.84 2.48
CA THR A 131 11.55 -9.67 2.98
C THR A 131 11.23 -8.47 2.12
N ILE A 132 10.83 -7.37 2.77
CA ILE A 132 10.67 -6.09 2.10
C ILE A 132 11.96 -5.30 2.30
N GLY A 133 12.53 -4.83 1.19
CA GLY A 133 13.57 -3.82 1.20
C GLY A 133 12.92 -2.47 0.95
N ARG A 134 12.68 -1.73 2.03
CA ARG A 134 12.08 -0.40 1.96
C ARG A 134 13.16 0.65 1.77
N HIS A 135 13.11 1.37 0.65
CA HIS A 135 14.00 2.52 0.44
C HIS A 135 13.76 3.53 1.55
N ALA A 136 14.84 3.93 2.23
CA ALA A 136 14.74 4.71 3.48
C ALA A 136 14.79 6.23 3.28
N HIS A 137 15.09 6.69 2.07
CA HIS A 137 15.35 8.11 1.80
C HIS A 137 14.26 8.72 0.91
N GLY A 138 13.94 9.98 1.16
CA GLY A 138 13.20 10.81 0.21
C GLY A 138 11.71 10.51 0.12
N ASP A 139 11.11 10.98 -0.97
CA ASP A 139 9.67 10.86 -1.25
C ASP A 139 8.83 11.51 -0.13
N GLN A 140 7.83 10.81 0.41
CA GLN A 140 6.91 11.42 1.39
C GLN A 140 7.56 11.75 2.74
N TYR A 141 8.68 11.09 3.07
CA TYR A 141 9.40 11.33 4.32
C TYR A 141 10.43 12.47 4.28
N LYS A 142 10.54 13.14 3.13
CA LYS A 142 11.30 14.39 3.00
C LYS A 142 10.54 15.39 2.12
N ALA A 143 9.21 15.34 2.19
CA ALA A 143 8.36 16.17 1.37
C ALA A 143 8.22 17.56 1.99
N THR A 144 7.84 18.53 1.16
CA THR A 144 7.42 19.84 1.64
C THR A 144 5.95 19.94 1.25
N ASP A 145 5.08 20.08 2.25
CA ASP A 145 3.64 20.15 2.03
C ASP A 145 3.03 21.34 2.76
N PHE A 146 1.88 21.81 2.27
CA PHE A 146 1.21 22.98 2.84
C PHE A 146 -0.30 22.98 2.58
N VAL A 147 -1.00 23.75 3.40
CA VAL A 147 -2.43 23.99 3.26
C VAL A 147 -2.63 25.26 2.43
N VAL A 148 -3.40 25.14 1.35
CA VAL A 148 -3.87 26.30 0.60
C VAL A 148 -5.11 26.82 1.29
N ASP A 149 -5.04 28.04 1.83
CA ASP A 149 -6.16 28.67 2.55
C ASP A 149 -6.91 29.74 1.74
N ARG A 150 -6.53 29.93 0.48
CA ARG A 150 -7.14 30.96 -0.37
C ARG A 150 -6.80 30.69 -1.84
N ALA A 151 -7.50 31.37 -2.75
CA ALA A 151 -7.25 31.23 -4.19
C ALA A 151 -5.82 31.60 -4.55
N GLY A 152 -5.24 30.93 -5.54
CA GLY A 152 -3.88 31.20 -5.98
C GLY A 152 -3.25 30.11 -6.81
N THR A 153 -2.11 30.42 -7.43
CA THR A 153 -1.42 29.51 -8.33
C THR A 153 -0.30 28.79 -7.59
N PHE A 154 -0.28 27.46 -7.70
CA PHE A 154 0.80 26.62 -7.18
C PHE A 154 1.65 26.19 -8.36
N LYS A 155 2.96 26.40 -8.26
CA LYS A 155 3.90 25.99 -9.31
C LYS A 155 5.21 25.43 -8.76
N LEU A 156 5.83 24.59 -9.58
CA LEU A 156 7.15 24.03 -9.31
C LEU A 156 8.15 24.83 -10.13
N VAL A 157 9.36 25.01 -9.59
CA VAL A 157 10.43 25.74 -10.26
C VAL A 157 11.76 25.00 -10.07
N PHE A 158 12.45 24.72 -11.18
CA PHE A 158 13.79 24.11 -11.14
C PHE A 158 14.82 25.06 -11.75
N THR A 159 15.68 25.62 -10.90
CA THR A 159 16.74 26.55 -11.33
C THR A 159 18.07 25.80 -11.50
N PRO A 160 18.55 25.63 -12.75
CA PRO A 160 19.81 24.90 -12.95
C PRO A 160 21.04 25.61 -12.38
N LYS A 161 22.06 24.82 -12.03
CA LYS A 161 23.30 25.34 -11.45
C LYS A 161 24.19 25.89 -12.56
N ASP A 162 24.24 25.17 -13.69
CA ASP A 162 25.10 25.52 -14.84
C ASP A 162 24.84 26.87 -15.52
N GLY A 163 23.71 27.52 -15.22
CA GLY A 163 23.37 28.83 -15.76
C GLY A 163 22.23 28.82 -16.77
N SER A 164 21.82 27.62 -17.20
CA SER A 164 20.70 27.45 -18.13
C SER A 164 19.40 28.00 -17.55
N SER A 165 18.40 28.19 -18.43
CA SER A 165 17.13 28.80 -18.03
C SER A 165 16.36 27.91 -17.06
N ALA A 166 15.62 28.56 -16.16
CA ALA A 166 14.75 27.86 -15.21
C ALA A 166 13.57 27.25 -15.94
N LYS A 167 13.05 26.15 -15.41
CA LYS A 167 11.82 25.56 -15.89
C LYS A 167 10.76 25.72 -14.82
N GLU A 168 9.61 26.30 -15.20
CA GLU A 168 8.46 26.40 -14.32
C GLU A 168 7.34 25.50 -14.85
N TRP A 169 6.64 24.84 -13.94
CA TRP A 169 5.42 24.09 -14.26
C TRP A 169 4.31 24.65 -13.39
N GLU A 170 3.20 25.04 -14.02
CA GLU A 170 2.00 25.41 -13.28
C GLU A 170 1.29 24.12 -12.88
N VAL A 171 1.27 23.83 -11.58
CA VAL A 171 0.66 22.61 -11.05
C VAL A 171 -0.86 22.76 -11.05
N TYR A 172 -1.34 23.81 -10.39
CA TYR A 172 -2.78 24.07 -10.30
C TYR A 172 -3.09 25.50 -9.89
N ASN A 173 -4.09 26.08 -10.56
CA ASN A 173 -4.67 27.36 -10.16
C ASN A 173 -5.85 27.07 -9.22
N PHE A 174 -5.60 27.19 -7.91
CA PHE A 174 -6.62 26.93 -6.89
C PHE A 174 -7.74 27.97 -6.92
N PRO A 175 -9.01 27.55 -7.12
CA PRO A 175 -10.11 28.51 -6.95
C PRO A 175 -10.46 28.81 -5.48
N ALA A 176 -10.33 27.79 -4.62
CA ALA A 176 -10.57 27.92 -3.17
C ALA A 176 -9.48 27.16 -2.41
N GLY A 177 -9.75 26.73 -1.18
CA GLY A 177 -8.75 26.06 -0.35
C GLY A 177 -8.35 24.67 -0.83
N GLY A 178 -7.28 24.14 -0.24
CA GLY A 178 -6.79 22.81 -0.61
C GLY A 178 -5.45 22.50 0.00
N VAL A 179 -4.70 21.63 -0.66
CA VAL A 179 -3.36 21.23 -0.22
C VAL A 179 -2.42 21.02 -1.40
N GLY A 180 -1.13 21.28 -1.17
CA GLY A 180 -0.09 21.08 -2.17
C GLY A 180 1.14 20.49 -1.50
N MET A 181 1.88 19.66 -2.24
CA MET A 181 3.14 19.11 -1.76
C MET A 181 4.14 18.86 -2.87
N GLY A 182 5.42 18.91 -2.49
CA GLY A 182 6.52 18.54 -3.37
C GLY A 182 7.41 17.56 -2.63
N MET A 183 7.92 16.57 -3.35
CA MET A 183 8.87 15.60 -2.81
C MET A 183 9.88 15.25 -3.90
N TYR A 184 10.93 14.53 -3.52
CA TYR A 184 12.04 14.27 -4.41
C TYR A 184 12.80 12.98 -4.08
N ASN A 185 13.75 12.66 -4.95
CA ASN A 185 14.72 11.62 -4.70
C ASN A 185 15.90 11.76 -5.67
N THR A 186 17.01 11.13 -5.33
CA THR A 186 18.26 11.26 -6.09
C THR A 186 18.64 9.96 -6.77
N ASP A 187 19.43 10.07 -7.83
CA ASP A 187 19.97 8.90 -8.52
C ASP A 187 20.88 8.09 -7.60
N GLU A 188 21.73 8.78 -6.83
CA GLU A 188 22.63 8.12 -5.88
C GLU A 188 21.87 7.26 -4.87
N SER A 189 20.82 7.82 -4.27
CA SER A 189 20.02 7.11 -3.26
C SER A 189 19.30 5.90 -3.83
N ILE A 190 18.78 6.02 -5.05
CA ILE A 190 18.09 4.92 -5.74
C ILE A 190 19.07 3.82 -6.15
N SER A 191 20.26 4.21 -6.60
CA SER A 191 21.31 3.26 -6.99
C SER A 191 21.78 2.41 -5.81
N GLY A 192 22.08 3.06 -4.68
CA GLY A 192 22.42 2.36 -3.44
C GLY A 192 21.33 1.41 -2.97
N PHE A 193 20.09 1.91 -3.01
CA PHE A 193 18.88 1.11 -2.73
C PHE A 193 18.82 -0.14 -3.62
N ALA A 194 19.06 0.04 -4.91
CA ALA A 194 19.07 -1.07 -5.87
C ALA A 194 20.17 -2.09 -5.55
N HIS A 195 21.40 -1.59 -5.37
CA HIS A 195 22.55 -2.44 -5.05
C HIS A 195 22.33 -3.34 -3.82
N SER A 196 21.83 -2.74 -2.75
CA SER A 196 21.55 -3.47 -1.51
C SER A 196 20.51 -4.57 -1.69
N CYS A 197 19.46 -4.24 -2.44
CA CYS A 197 18.40 -5.20 -2.75
C CYS A 197 18.89 -6.37 -3.61
N PHE A 198 19.66 -6.06 -4.65
CA PHE A 198 20.26 -7.09 -5.51
C PHE A 198 21.21 -8.01 -4.75
N GLN A 199 21.98 -7.44 -3.82
CA GLN A 199 22.95 -8.19 -3.01
C GLN A 199 22.27 -9.10 -1.99
N TYR A 200 21.25 -8.58 -1.30
CA TYR A 200 20.46 -9.37 -0.35
C TYR A 200 19.73 -10.53 -1.02
N SER A 201 19.29 -10.32 -2.27
CA SER A 201 18.61 -11.36 -3.05
C SER A 201 19.54 -12.52 -3.41
N ILE A 202 20.75 -12.18 -3.87
CA ILE A 202 21.81 -13.19 -4.10
C ILE A 202 22.14 -13.92 -2.80
N GLN A 203 22.28 -13.17 -1.72
CA GLN A 203 22.57 -13.74 -0.39
C GLN A 203 21.50 -14.76 0.05
N LYS A 204 20.24 -14.46 -0.23
CA LYS A 204 19.11 -15.34 0.15
C LYS A 204 18.80 -16.47 -0.85
N LYS A 205 19.35 -16.42 -2.06
CA LYS A 205 18.97 -17.31 -3.18
C LYS A 205 17.50 -17.12 -3.55
N TRP A 206 17.03 -15.88 -3.49
CA TRP A 206 15.63 -15.54 -3.74
C TRP A 206 15.51 -14.56 -4.90
N PRO A 207 14.42 -14.66 -5.69
CA PRO A 207 14.16 -13.63 -6.70
C PRO A 207 13.76 -12.28 -6.10
N LEU A 208 13.85 -11.24 -6.91
CA LEU A 208 13.61 -9.86 -6.47
C LEU A 208 12.54 -9.19 -7.33
N TYR A 209 11.67 -8.42 -6.69
CA TYR A 209 10.65 -7.66 -7.39
C TYR A 209 10.73 -6.20 -6.95
N LEU A 210 10.79 -5.29 -7.93
CA LEU A 210 10.65 -3.86 -7.67
C LEU A 210 9.21 -3.47 -7.94
N SER A 211 8.69 -2.60 -7.10
CA SER A 211 7.34 -2.08 -7.22
C SER A 211 7.33 -0.57 -7.39
N THR A 212 6.70 -0.10 -8.47
CA THR A 212 6.44 1.34 -8.69
C THR A 212 5.08 1.50 -9.38
N LYS A 213 4.70 2.74 -9.67
CA LYS A 213 3.55 3.05 -10.52
C LYS A 213 4.01 4.02 -11.63
N ASN A 214 4.97 3.54 -12.43
CA ASN A 214 5.55 4.33 -13.52
C ASN A 214 4.63 4.62 -14.71
N THR A 215 3.44 4.02 -14.72
CA THR A 215 2.39 4.40 -15.64
C THR A 215 1.76 5.76 -15.27
N ILE A 216 1.72 6.07 -13.97
CA ILE A 216 1.11 7.29 -13.45
C ILE A 216 2.12 8.39 -13.14
N LEU A 217 3.21 8.04 -12.45
CA LEU A 217 4.35 8.94 -12.26
C LEU A 217 5.43 8.52 -13.25
N GLN A 218 5.27 8.97 -14.48
CA GLN A 218 6.02 8.44 -15.62
C GLN A 218 7.52 8.80 -15.60
N ALA A 219 7.85 9.98 -15.08
CA ALA A 219 9.23 10.40 -14.89
C ALA A 219 9.78 9.93 -13.53
N TYR A 220 9.03 10.22 -12.46
CA TYR A 220 9.45 9.96 -11.08
C TYR A 220 9.65 8.46 -10.82
N ASP A 221 8.59 7.68 -11.03
CA ASP A 221 8.65 6.22 -10.80
C ASP A 221 9.40 5.50 -11.92
N GLY A 222 9.37 6.06 -13.14
CA GLY A 222 10.14 5.53 -14.26
C GLY A 222 11.64 5.48 -14.01
N ARG A 223 12.16 6.45 -13.26
CA ARG A 223 13.58 6.50 -12.89
C ARG A 223 13.97 5.32 -11.99
N PHE A 224 13.08 4.98 -11.04
CA PHE A 224 13.26 3.78 -10.22
C PHE A 224 13.31 2.51 -11.07
N LYS A 225 12.39 2.40 -12.03
CA LYS A 225 12.40 1.27 -12.97
C LYS A 225 13.67 1.25 -13.83
N ASP A 226 14.07 2.40 -14.35
CA ASP A 226 15.24 2.49 -15.24
C ASP A 226 16.57 2.20 -14.55
N ILE A 227 16.77 2.79 -13.37
CA ILE A 227 18.01 2.60 -12.60
C ILE A 227 18.19 1.16 -12.11
N PHE A 228 17.13 0.54 -11.61
CA PHE A 228 17.17 -0.87 -11.20
C PHE A 228 17.52 -1.80 -12.37
N GLN A 229 16.85 -1.60 -13.51
CA GLN A 229 17.11 -2.42 -14.70
C GLN A 229 18.51 -2.20 -15.29
N GLU A 230 19.02 -0.98 -15.20
CA GLU A 230 20.42 -0.69 -15.60
C GLU A 230 21.44 -1.41 -14.73
N ILE A 231 21.28 -1.29 -13.41
CA ILE A 231 22.19 -1.92 -12.45
C ILE A 231 22.14 -3.45 -12.54
N PHE A 232 20.94 -4.00 -12.69
CA PHE A 232 20.77 -5.45 -12.88
C PHE A 232 21.53 -5.97 -14.09
N ASP A 233 21.32 -5.33 -15.24
CA ASP A 233 21.94 -5.75 -16.50
C ASP A 233 23.48 -5.75 -16.42
N LYS A 234 24.06 -4.64 -15.94
CA LYS A 234 25.51 -4.49 -15.93
C LYS A 234 26.21 -5.29 -14.83
N HIS A 235 25.62 -5.33 -13.63
CA HIS A 235 26.29 -5.90 -12.45
C HIS A 235 25.83 -7.29 -11.98
N TYR A 236 24.53 -7.59 -12.13
CA TYR A 236 23.93 -8.73 -11.40
C TYR A 236 23.26 -9.85 -12.21
N LYS A 237 23.01 -9.66 -13.50
CA LYS A 237 22.28 -10.68 -14.29
C LYS A 237 22.97 -12.05 -14.28
N THR A 238 24.30 -12.06 -14.36
CA THR A 238 25.08 -13.30 -14.38
C THR A 238 24.99 -14.06 -13.05
N ASP A 239 25.15 -13.34 -11.93
CA ASP A 239 24.99 -13.95 -10.60
C ASP A 239 23.56 -14.42 -10.30
N PHE A 240 22.56 -13.74 -10.88
CA PHE A 240 21.16 -14.18 -10.74
C PHE A 240 20.88 -15.46 -11.52
N ASP A 241 21.44 -15.57 -12.73
CA ASP A 241 21.29 -16.77 -13.56
C ASP A 241 21.91 -18.01 -12.92
N LYS A 242 23.13 -17.86 -12.40
CA LYS A 242 23.84 -18.95 -11.71
C LYS A 242 23.04 -19.52 -10.53
N ASN A 243 22.40 -18.65 -9.77
CA ASN A 243 21.60 -19.04 -8.60
C ASN A 243 20.13 -19.40 -8.90
N LYS A 244 19.77 -19.43 -10.19
CA LYS A 244 18.40 -19.74 -10.66
C LYS A 244 17.32 -18.79 -10.11
N ILE A 245 17.68 -17.51 -10.04
CA ILE A 245 16.78 -16.44 -9.60
C ILE A 245 16.67 -15.39 -10.70
N TRP A 246 15.76 -14.44 -10.52
CA TRP A 246 15.48 -13.40 -11.53
C TRP A 246 15.07 -12.09 -10.88
N TYR A 247 15.09 -11.02 -11.67
CA TYR A 247 14.55 -9.72 -11.27
C TYR A 247 13.44 -9.30 -12.23
N GLU A 248 12.36 -8.73 -11.69
CA GLU A 248 11.25 -8.20 -12.50
C GLU A 248 10.62 -6.97 -11.85
N HIS A 249 10.37 -5.94 -12.64
CA HIS A 249 9.61 -4.78 -12.20
C HIS A 249 8.11 -5.07 -12.34
N ARG A 250 7.34 -4.68 -11.33
CA ARG A 250 5.89 -4.83 -11.33
C ARG A 250 5.20 -3.51 -10.94
N LEU A 251 4.01 -3.29 -11.48
CA LEU A 251 3.16 -2.20 -11.01
C LEU A 251 2.68 -2.55 -9.60
N ILE A 252 2.63 -1.55 -8.71
CA ILE A 252 2.36 -1.76 -7.27
C ILE A 252 1.04 -2.49 -7.00
N ASP A 253 -0.03 -2.11 -7.69
CA ASP A 253 -1.34 -2.74 -7.48
C ASP A 253 -1.34 -4.20 -7.96
N ASP A 254 -0.67 -4.47 -9.08
CA ASP A 254 -0.45 -5.85 -9.54
C ASP A 254 0.41 -6.65 -8.55
N MET A 255 1.47 -6.03 -8.05
CA MET A 255 2.41 -6.69 -7.13
C MET A 255 1.72 -7.22 -5.89
N VAL A 256 1.01 -6.34 -5.17
CA VAL A 256 0.41 -6.71 -3.88
C VAL A 256 -0.58 -7.89 -3.97
N ALA A 257 -1.37 -7.93 -5.04
CA ALA A 257 -2.23 -9.09 -5.31
C ALA A 257 -1.37 -10.34 -5.50
N GLN A 258 -0.33 -10.21 -6.32
CA GLN A 258 0.59 -11.32 -6.59
C GLN A 258 1.27 -11.81 -5.31
N VAL A 259 1.66 -10.87 -4.44
CA VAL A 259 2.23 -11.19 -3.13
C VAL A 259 1.23 -11.99 -2.28
N LEU A 260 -0.02 -11.54 -2.24
CA LEU A 260 -1.06 -12.20 -1.45
C LEU A 260 -1.37 -13.62 -1.93
N LYS A 261 -1.29 -13.81 -3.25
CA LYS A 261 -1.51 -15.11 -3.90
C LYS A 261 -0.29 -16.04 -3.80
N SER A 262 0.87 -15.49 -3.45
CA SER A 262 2.15 -16.22 -3.46
C SER A 262 2.28 -17.24 -2.33
N SER A 263 3.42 -17.90 -2.28
CA SER A 263 3.84 -18.72 -1.14
C SER A 263 5.10 -18.14 -0.46
N GLY A 264 5.35 -16.86 -0.67
CA GLY A 264 6.54 -16.19 -0.17
C GLY A 264 7.83 -16.63 -0.85
N GLY A 265 8.96 -16.45 -0.16
CA GLY A 265 10.27 -16.85 -0.66
C GLY A 265 10.81 -15.93 -1.74
N PHE A 266 10.67 -14.62 -1.52
CA PHE A 266 11.21 -13.62 -2.44
C PHE A 266 11.56 -12.34 -1.69
N VAL A 267 12.40 -11.51 -2.31
CA VAL A 267 12.73 -10.18 -1.82
C VAL A 267 11.85 -9.17 -2.57
N TRP A 268 11.47 -8.10 -1.90
CA TRP A 268 10.54 -7.12 -2.44
C TRP A 268 11.04 -5.71 -2.19
N ALA A 269 11.66 -5.11 -3.20
CA ALA A 269 12.08 -3.71 -3.16
C ALA A 269 10.87 -2.79 -3.26
N CYS A 270 10.55 -2.12 -2.15
CA CYS A 270 9.46 -1.16 -2.09
C CYS A 270 10.02 0.25 -2.03
N LYS A 271 9.26 1.19 -2.60
CA LYS A 271 9.51 2.60 -2.36
C LYS A 271 9.21 2.92 -0.89
N ASN A 272 9.72 4.05 -0.43
CA ASN A 272 9.65 4.45 0.99
C ASN A 272 8.23 4.39 1.57
N TYR A 273 7.27 4.95 0.84
CA TYR A 273 5.87 4.94 1.25
C TYR A 273 5.29 3.53 1.23
N ASP A 274 5.51 2.83 0.12
CA ASP A 274 5.03 1.46 -0.06
C ASP A 274 5.64 0.50 0.95
N GLY A 275 6.90 0.72 1.31
CA GLY A 275 7.56 -0.08 2.35
C GLY A 275 6.88 0.05 3.69
N ASP A 276 6.53 1.28 4.07
CA ASP A 276 5.80 1.53 5.32
C ASP A 276 4.47 0.79 5.37
N VAL A 277 3.70 0.89 4.28
CA VAL A 277 2.37 0.29 4.21
C VAL A 277 2.45 -1.23 4.16
N GLN A 278 3.25 -1.76 3.22
CA GLN A 278 3.26 -3.19 2.91
C GLN A 278 4.02 -4.05 3.94
N SER A 279 4.97 -3.45 4.66
CA SER A 279 5.65 -4.15 5.77
C SER A 279 4.66 -4.52 6.89
N ASP A 280 3.69 -3.65 7.16
CA ASP A 280 2.64 -3.95 8.15
C ASP A 280 1.64 -5.01 7.68
N ILE A 281 1.34 -5.05 6.37
CA ILE A 281 0.55 -6.16 5.81
C ILE A 281 1.34 -7.47 5.92
N LEU A 282 2.64 -7.39 5.67
CA LEU A 282 3.53 -8.54 5.81
C LEU A 282 3.54 -9.05 7.25
N ALA A 283 3.85 -8.15 8.18
CA ALA A 283 3.93 -8.51 9.61
C ALA A 283 2.62 -9.12 10.13
N GLN A 284 1.51 -8.47 9.82
CA GLN A 284 0.19 -8.95 10.25
C GLN A 284 -0.18 -10.28 9.58
N GLY A 285 0.12 -10.43 8.30
CA GLY A 285 -0.18 -11.65 7.56
C GLY A 285 0.57 -12.88 8.07
N PHE A 286 1.82 -12.68 8.47
CA PHE A 286 2.63 -13.77 9.05
C PHE A 286 2.26 -14.13 10.51
N GLY A 287 1.53 -13.27 11.20
CA GLY A 287 0.99 -13.62 12.52
C GLY A 287 0.69 -12.48 13.47
N SER A 288 1.58 -11.49 13.51
CA SER A 288 1.48 -10.38 14.47
C SER A 288 2.40 -9.22 14.08
N LEU A 289 1.91 -7.99 14.29
CA LEU A 289 2.70 -6.78 14.04
C LEU A 289 3.99 -6.70 14.86
N GLY A 290 3.95 -7.24 16.08
CA GLY A 290 5.11 -7.26 16.97
C GLY A 290 6.18 -8.30 16.64
N LEU A 291 5.86 -9.25 15.77
CA LEU A 291 6.81 -10.29 15.34
C LEU A 291 7.48 -9.87 14.04
N MET A 292 8.33 -8.83 14.11
CA MET A 292 9.01 -8.32 12.93
C MET A 292 10.32 -7.63 13.26
N THR A 293 11.35 -7.91 12.45
CA THR A 293 12.63 -7.19 12.51
C THR A 293 12.56 -5.98 11.59
N SER A 294 13.40 -5.00 11.88
CA SER A 294 13.54 -3.81 11.03
C SER A 294 14.96 -3.27 11.15
N VAL A 295 15.73 -3.41 10.07
CA VAL A 295 17.16 -3.08 10.08
C VAL A 295 17.51 -2.19 8.88
N LEU A 296 17.80 -0.92 9.17
CA LEU A 296 18.38 -0.01 8.18
C LEU A 296 19.79 -0.48 7.84
N VAL A 297 20.06 -0.72 6.56
CA VAL A 297 21.39 -1.07 6.06
C VAL A 297 21.83 0.09 5.16
N CYS A 298 22.86 0.80 5.56
CA CYS A 298 23.29 2.02 4.86
C CYS A 298 24.08 1.70 3.58
N PRO A 299 24.16 2.66 2.64
CA PRO A 299 24.83 2.39 1.34
C PRO A 299 26.30 1.99 1.45
N ASP A 300 27.01 2.52 2.46
CA ASP A 300 28.43 2.20 2.68
C ASP A 300 28.75 0.74 3.02
N GLY A 301 27.74 -0.05 3.40
CA GLY A 301 27.93 -1.48 3.69
C GLY A 301 28.40 -1.79 5.11
N LYS A 302 28.86 -0.77 5.84
CA LYS A 302 29.41 -0.91 7.18
C LYS A 302 28.39 -0.53 8.26
N THR A 303 27.61 0.52 8.02
CA THR A 303 26.74 1.12 9.02
C THR A 303 25.33 0.55 9.00
N ILE A 304 24.79 0.19 10.17
CA ILE A 304 23.39 -0.20 10.30
C ILE A 304 22.69 0.50 11.46
N GLU A 305 21.36 0.43 11.44
CA GLU A 305 20.51 0.82 12.56
C GLU A 305 19.37 -0.19 12.67
N ALA A 306 19.34 -0.92 13.78
CA ALA A 306 18.28 -1.89 14.08
C ALA A 306 17.25 -1.20 14.99
N GLU A 307 15.97 -1.43 14.73
CA GLU A 307 14.89 -0.75 15.46
C GLU A 307 13.72 -1.68 15.78
N ALA A 308 12.90 -1.23 16.71
CA ALA A 308 11.54 -1.76 16.88
C ALA A 308 10.62 -0.87 16.04
N ALA A 309 10.03 -1.45 14.99
CA ALA A 309 9.25 -0.69 14.01
C ALA A 309 7.85 -0.28 14.47
N HIS A 310 7.31 -0.94 15.49
CA HIS A 310 5.95 -0.68 15.98
C HIS A 310 5.85 0.57 16.88
N GLY A 311 4.63 0.88 17.33
CA GLY A 311 4.39 2.02 18.20
C GLY A 311 4.89 1.88 19.64
N THR A 312 4.52 2.85 20.47
CA THR A 312 5.01 2.96 21.85
C THR A 312 4.09 2.31 22.90
N VAL A 313 2.93 1.81 22.46
CA VAL A 313 1.97 1.11 23.33
C VAL A 313 1.50 2.00 24.49
N THR A 314 0.74 3.05 24.13
CA THR A 314 0.31 4.09 25.06
C THR A 314 -0.66 3.58 26.14
N ARG A 315 -1.53 2.64 25.78
CA ARG A 315 -2.53 2.08 26.70
C ARG A 315 -1.89 1.32 27.85
N HIS A 316 -0.86 0.52 27.53
CA HIS A 316 -0.12 -0.25 28.54
C HIS A 316 0.73 0.67 29.42
N TYR A 317 1.25 1.76 28.84
CA TYR A 317 2.01 2.76 29.58
C TYR A 317 1.17 3.48 30.64
N ARG A 318 -0.06 3.83 30.29
CA ARG A 318 -0.99 4.50 31.22
C ARG A 318 -1.23 3.65 32.47
N GLU A 319 -1.37 2.34 32.28
CA GLU A 319 -1.53 1.39 33.39
C GLU A 319 -0.25 1.31 34.24
N HIS A 320 0.90 1.36 33.59
CA HIS A 320 2.21 1.38 34.28
C HIS A 320 2.42 2.64 35.14
N GLN A 321 1.88 3.78 34.69
CA GLN A 321 1.88 5.02 35.49
C GLN A 321 1.09 4.87 36.79
N LYS A 322 0.00 4.09 36.73
CA LYS A 322 -0.88 3.83 37.89
C LYS A 322 -0.45 2.60 38.73
N GLY A 323 0.80 2.15 38.57
CA GLY A 323 1.36 1.07 39.40
C GLY A 323 0.81 -0.32 39.17
N ARG A 324 0.31 -0.58 37.96
CA ARG A 324 -0.33 -1.85 37.62
C ARG A 324 0.55 -2.69 36.68
N PRO A 325 0.30 -4.01 36.61
CA PRO A 325 1.09 -4.83 35.70
C PRO A 325 0.58 -4.76 34.26
N THR A 326 1.49 -4.97 33.30
CA THR A 326 1.16 -4.98 31.88
C THR A 326 1.59 -6.31 31.26
N SER A 327 1.11 -6.55 30.03
CA SER A 327 1.56 -7.70 29.24
C SER A 327 1.87 -7.19 27.83
N THR A 328 3.15 -6.91 27.59
CA THR A 328 3.61 -6.22 26.39
C THR A 328 4.66 -7.08 25.69
N ASN A 329 4.51 -7.24 24.37
CA ASN A 329 5.42 -8.07 23.57
C ASN A 329 6.77 -7.36 23.38
N PRO A 330 7.86 -7.90 23.97
CA PRO A 330 9.16 -7.25 23.86
C PRO A 330 10.04 -7.77 22.72
N ILE A 331 9.53 -8.67 21.87
CA ILE A 331 10.38 -9.44 20.93
C ILE A 331 11.03 -8.56 19.85
N ALA A 332 10.28 -7.59 19.32
CA ALA A 332 10.81 -6.67 18.31
C ALA A 332 11.95 -5.83 18.86
N SER A 333 11.76 -5.34 20.09
CA SER A 333 12.80 -4.62 20.82
C SER A 333 14.01 -5.52 21.09
N ILE A 334 13.76 -6.77 21.49
CA ILE A 334 14.84 -7.76 21.72
C ILE A 334 15.63 -7.97 20.42
N PHE A 335 14.91 -8.17 19.32
CA PHE A 335 15.55 -8.42 18.01
C PHE A 335 16.29 -7.21 17.45
N ALA A 336 15.93 -6.01 17.87
CA ALA A 336 16.69 -4.80 17.55
C ALA A 336 18.08 -4.88 18.20
N TRP A 337 18.13 -5.30 19.47
CA TRP A 337 19.40 -5.47 20.18
C TRP A 337 20.26 -6.54 19.54
N THR A 338 19.67 -7.72 19.28
CA THR A 338 20.41 -8.85 18.70
C THR A 338 20.97 -8.52 17.31
N ARG A 339 20.16 -7.89 16.46
CA ARG A 339 20.63 -7.45 15.14
C ARG A 339 21.73 -6.39 15.23
N GLY A 340 21.63 -5.50 16.22
CA GLY A 340 22.70 -4.56 16.53
C GLY A 340 23.97 -5.26 16.97
N LEU A 341 23.85 -6.15 17.95
CA LEU A 341 25.00 -6.87 18.51
C LEU A 341 25.66 -7.82 17.50
N GLU A 342 24.85 -8.47 16.67
CA GLU A 342 25.35 -9.37 15.62
C GLU A 342 26.23 -8.64 14.61
N HIS A 343 25.78 -7.48 14.15
CA HIS A 343 26.58 -6.67 13.23
C HIS A 343 27.80 -6.03 13.89
N ARG A 344 27.69 -5.64 15.16
CA ARG A 344 28.85 -5.21 15.96
C ARG A 344 29.90 -6.34 16.00
N GLY A 345 29.43 -7.57 16.24
CA GLY A 345 30.29 -8.77 16.22
C GLY A 345 30.91 -9.10 14.86
N LYS A 346 30.16 -8.87 13.79
CA LYS A 346 30.66 -9.09 12.41
C LYS A 346 31.81 -8.14 12.05
N LEU A 347 31.67 -6.87 12.43
CA LEU A 347 32.70 -5.85 12.17
C LEU A 347 33.97 -6.06 13.01
N ASP A 348 33.80 -6.48 14.26
CA ASP A 348 34.93 -6.67 15.19
C ASP A 348 35.61 -8.03 15.08
N GLY A 349 34.96 -8.98 14.40
CA GLY A 349 35.46 -10.36 14.33
C GLY A 349 35.28 -11.06 15.67
N ASN A 350 34.11 -10.86 16.28
CA ASN A 350 33.80 -11.37 17.61
C ASN A 350 32.73 -12.47 17.48
N GLN A 351 33.19 -13.71 17.36
CA GLN A 351 32.30 -14.85 17.11
C GLN A 351 31.44 -15.20 18.32
N ASP A 352 32.00 -14.98 19.52
CA ASP A 352 31.26 -15.19 20.76
C ASP A 352 30.04 -14.26 20.86
N LEU A 353 30.20 -13.01 20.45
CA LEU A 353 29.09 -12.05 20.41
C LEU A 353 28.05 -12.44 19.37
N ILE A 354 28.49 -12.77 18.16
CA ILE A 354 27.60 -13.19 17.07
C ILE A 354 26.73 -14.36 17.54
N ARG A 355 27.36 -15.35 18.17
CA ARG A 355 26.67 -16.55 18.67
C ARG A 355 25.63 -16.23 19.73
N PHE A 356 25.94 -15.29 20.62
CA PHE A 356 24.99 -14.88 21.67
C PHE A 356 23.73 -14.25 21.08
N ALA A 357 23.92 -13.35 20.10
CA ALA A 357 22.81 -12.70 19.42
C ALA A 357 21.88 -13.71 18.75
N GLN A 358 22.45 -14.71 18.07
CA GLN A 358 21.68 -15.74 17.37
C GLN A 358 20.97 -16.66 18.38
N THR A 359 21.65 -16.99 19.47
CA THR A 359 21.10 -17.81 20.55
C THR A 359 19.88 -17.15 21.21
N LEU A 360 19.96 -15.85 21.47
CA LEU A 360 18.84 -15.10 22.04
C LEU A 360 17.64 -15.05 21.09
N GLU A 361 17.89 -14.82 19.81
CA GLU A 361 16.83 -14.86 18.78
C GLU A 361 16.09 -16.20 18.76
N LYS A 362 16.85 -17.29 18.85
CA LYS A 362 16.28 -18.64 18.86
C LYS A 362 15.50 -18.90 20.15
N VAL A 363 16.06 -18.50 21.29
CA VAL A 363 15.40 -18.65 22.60
C VAL A 363 14.05 -17.93 22.65
N CYS A 364 13.97 -16.73 22.07
CA CYS A 364 12.73 -15.96 21.99
C CYS A 364 11.62 -16.74 21.29
N VAL A 365 11.95 -17.32 20.13
CA VAL A 365 10.98 -18.09 19.35
C VAL A 365 10.56 -19.35 20.11
N GLN A 366 11.54 -20.08 20.63
CA GLN A 366 11.28 -21.30 21.43
C GLN A 366 10.39 -21.06 22.65
N THR A 367 10.58 -19.93 23.34
CA THR A 367 9.76 -19.57 24.50
C THR A 367 8.29 -19.38 24.12
N VAL A 368 8.05 -18.70 22.99
CA VAL A 368 6.69 -18.56 22.45
C VAL A 368 6.17 -19.93 21.97
N GLU A 369 7.00 -20.69 21.27
CA GLU A 369 6.63 -22.03 20.80
C GLU A 369 6.36 -23.04 21.93
N SER A 370 6.94 -22.81 23.12
CA SER A 370 6.63 -23.62 24.32
C SER A 370 5.30 -23.24 25.00
N GLY A 371 4.73 -22.07 24.66
CA GLY A 371 3.45 -21.62 25.23
C GLY A 371 3.54 -20.43 26.18
N ALA A 372 4.75 -20.08 26.61
CA ALA A 372 4.97 -18.88 27.42
C ALA A 372 4.99 -17.67 26.50
N MET A 373 4.02 -16.77 26.66
CA MET A 373 3.91 -15.58 25.81
C MET A 373 3.12 -14.45 26.48
N THR A 374 3.12 -13.30 25.82
CA THR A 374 2.37 -12.11 26.26
C THR A 374 0.92 -12.16 25.76
N LYS A 375 0.11 -11.19 26.19
CA LYS A 375 -1.35 -11.17 25.93
C LYS A 375 -1.72 -11.12 24.45
N ASP A 376 -1.05 -10.24 23.71
CA ASP A 376 -1.28 -10.09 22.27
C ASP A 376 -1.03 -11.37 21.46
N LEU A 377 0.02 -12.12 21.81
CA LEU A 377 0.36 -13.36 21.11
C LEU A 377 -0.59 -14.50 21.49
N ALA A 378 -0.94 -14.59 22.76
CA ALA A 378 -1.96 -15.53 23.23
C ALA A 378 -3.34 -15.24 22.62
N GLY A 379 -3.61 -13.97 22.35
CA GLY A 379 -4.82 -13.55 21.63
C GLY A 379 -4.88 -13.98 20.17
N CYS A 380 -3.73 -14.08 19.51
CA CYS A 380 -3.65 -14.67 18.17
C CYS A 380 -4.07 -16.14 18.17
N ILE A 381 -3.72 -16.86 19.23
CA ILE A 381 -4.04 -18.29 19.35
C ILE A 381 -5.50 -18.51 19.74
N HIS A 382 -5.91 -17.99 20.91
CA HIS A 382 -7.23 -18.29 21.50
C HIS A 382 -8.29 -17.19 21.35
N GLY A 383 -7.94 -16.04 20.76
CA GLY A 383 -8.83 -14.89 20.70
C GLY A 383 -8.73 -14.03 21.96
N LEU A 384 -8.85 -12.72 21.80
CA LEU A 384 -8.70 -11.76 22.91
C LEU A 384 -9.74 -11.93 24.01
N SER A 385 -10.95 -12.33 23.64
CA SER A 385 -12.05 -12.51 24.59
C SER A 385 -11.90 -13.73 25.53
N ASN A 386 -11.03 -14.69 25.17
CA ASN A 386 -10.91 -15.97 25.90
C ASN A 386 -9.60 -16.17 26.68
N VAL A 387 -8.78 -15.11 26.83
CA VAL A 387 -7.44 -15.23 27.46
C VAL A 387 -7.42 -14.71 28.91
N LYS A 388 -6.49 -15.25 29.69
CA LYS A 388 -6.45 -15.08 31.15
C LYS A 388 -5.01 -15.10 31.68
N LEU A 389 -4.76 -14.34 32.75
CA LEU A 389 -3.41 -14.20 33.33
C LEU A 389 -2.97 -15.48 34.01
N ASN A 390 -1.71 -15.88 33.76
CA ASN A 390 -1.13 -17.14 34.25
C ASN A 390 -1.90 -18.41 33.86
N GLU A 391 -2.58 -18.34 32.72
CA GLU A 391 -3.27 -19.49 32.12
C GLU A 391 -2.87 -19.55 30.64
N HIS A 392 -3.14 -18.47 29.90
CA HIS A 392 -2.77 -18.35 28.49
C HIS A 392 -1.61 -17.38 28.21
N PHE A 393 -1.33 -16.46 29.13
CA PHE A 393 -0.22 -15.49 28.97
C PHE A 393 0.41 -15.05 30.28
N LEU A 394 1.54 -14.35 30.18
CA LEU A 394 2.32 -13.87 31.32
C LEU A 394 2.54 -12.36 31.29
N ASN A 395 2.93 -11.81 32.44
CA ASN A 395 3.40 -10.42 32.55
C ASN A 395 4.60 -10.15 31.66
N THR A 396 4.85 -8.88 31.39
CA THR A 396 5.97 -8.46 30.56
C THR A 396 7.31 -8.93 31.16
N THR A 397 7.50 -8.69 32.45
CA THR A 397 8.72 -9.11 33.16
C THR A 397 8.81 -10.63 33.34
N ASP A 398 7.67 -11.29 33.57
CA ASP A 398 7.62 -12.76 33.69
C ASP A 398 8.01 -13.46 32.39
N PHE A 399 7.54 -12.93 31.27
CA PHE A 399 7.93 -13.43 29.94
C PHE A 399 9.43 -13.24 29.71
N LEU A 400 9.93 -12.06 30.04
CA LEU A 400 11.37 -11.78 29.98
C LEU A 400 12.19 -12.70 30.92
N ASP A 401 11.65 -12.98 32.11
CA ASP A 401 12.26 -13.93 33.04
C ASP A 401 12.24 -15.36 32.53
N THR A 402 11.18 -15.73 31.80
CA THR A 402 11.11 -17.02 31.11
C THR A 402 12.15 -17.09 29.98
N ILE A 403 12.26 -16.00 29.20
CA ILE A 403 13.32 -15.87 28.18
C ILE A 403 14.72 -15.93 28.80
N LYS A 404 14.89 -15.31 29.96
CA LYS A 404 16.18 -15.29 30.66
C LYS A 404 16.60 -16.70 31.12
N SER A 405 15.64 -17.45 31.67
CA SER A 405 15.88 -18.83 32.10
C SER A 405 16.27 -19.74 30.93
N ASN A 406 15.53 -19.64 29.84
CA ASN A 406 15.81 -20.44 28.63
C ASN A 406 17.14 -20.05 27.97
N LEU A 407 17.50 -18.76 28.04
CA LEU A 407 18.78 -18.26 27.54
C LEU A 407 19.97 -18.82 28.32
N ASP A 408 19.81 -18.97 29.63
CA ASP A 408 20.87 -19.54 30.48
C ASP A 408 21.10 -21.03 30.24
N ARG A 409 20.00 -21.79 30.08
CA ARG A 409 20.08 -23.22 29.76
C ARG A 409 20.75 -23.48 28.41
N ALA A 410 20.42 -22.66 27.41
CA ALA A 410 20.99 -22.80 26.06
C ALA A 410 22.50 -22.52 26.03
N LEU A 411 22.95 -21.53 26.80
CA LEU A 411 24.38 -21.17 26.86
C LEU A 411 25.26 -22.19 27.59
N GLY A 412 24.67 -22.97 28.51
CA GLY A 412 25.40 -24.01 29.25
C GLY A 412 25.39 -25.35 28.53
N LYS B 4 -37.07 -11.75 -28.60
CA LYS B 4 -37.51 -10.32 -28.52
C LYS B 4 -36.60 -9.52 -27.59
N ARG B 5 -35.82 -8.60 -28.16
CA ARG B 5 -34.88 -7.77 -27.39
C ARG B 5 -35.59 -6.77 -26.48
N ILE B 6 -34.94 -6.43 -25.38
CA ILE B 6 -35.42 -5.41 -24.45
C ILE B 6 -35.06 -4.05 -25.03
N LYS B 7 -36.08 -3.23 -25.32
CA LYS B 7 -35.87 -1.88 -25.84
C LYS B 7 -35.33 -0.96 -24.73
N VAL B 8 -34.27 -0.21 -25.05
CA VAL B 8 -33.64 0.71 -24.10
C VAL B 8 -33.70 2.12 -24.69
N GLU B 9 -34.77 2.83 -24.31
CA GLU B 9 -35.03 4.23 -24.67
C GLU B 9 -33.85 5.22 -24.78
N LYS B 10 -32.87 5.14 -23.88
CA LYS B 10 -31.77 6.11 -23.82
C LYS B 10 -30.38 5.47 -23.93
N PRO B 11 -29.35 6.26 -24.34
CA PRO B 11 -28.05 5.65 -24.65
C PRO B 11 -27.18 5.27 -23.44
N VAL B 12 -26.14 4.49 -23.72
CA VAL B 12 -25.11 4.10 -22.76
C VAL B 12 -23.76 4.33 -23.42
N VAL B 13 -22.88 5.11 -22.77
CA VAL B 13 -21.54 5.35 -23.30
C VAL B 13 -20.69 4.10 -23.13
N GLU B 14 -19.93 3.76 -24.19
CA GLU B 14 -19.07 2.59 -24.19
C GLU B 14 -17.63 3.01 -24.46
N MET B 15 -16.74 2.66 -23.53
CA MET B 15 -15.31 2.93 -23.68
C MET B 15 -14.60 1.60 -23.91
N ASP B 16 -14.06 1.42 -25.12
CA ASP B 16 -13.35 0.19 -25.50
C ASP B 16 -11.91 0.27 -24.99
N GLY B 17 -11.23 -0.87 -24.91
CA GLY B 17 -9.92 -0.96 -24.25
C GLY B 17 -8.89 -1.75 -25.02
N ASP B 18 -7.99 -2.41 -24.28
CA ASP B 18 -6.80 -3.04 -24.85
C ASP B 18 -6.61 -4.49 -24.43
N GLU B 19 -5.80 -5.21 -25.20
CA GLU B 19 -5.27 -6.54 -24.87
C GLU B 19 -6.38 -7.54 -24.52
N MET B 20 -6.23 -8.32 -23.44
CA MET B 20 -7.12 -9.45 -23.18
C MET B 20 -8.54 -8.99 -22.83
N THR B 21 -8.65 -7.87 -22.11
CA THR B 21 -9.96 -7.31 -21.77
C THR B 21 -10.72 -6.81 -23.00
N ARG B 22 -10.01 -6.28 -24.01
CA ARG B 22 -10.63 -5.86 -25.26
C ARG B 22 -11.32 -7.03 -25.97
N ILE B 23 -10.64 -8.16 -26.03
CA ILE B 23 -11.17 -9.38 -26.66
C ILE B 23 -12.37 -9.93 -25.88
N ILE B 24 -12.28 -9.94 -24.56
CA ILE B 24 -13.39 -10.35 -23.69
C ILE B 24 -14.58 -9.37 -23.78
N TRP B 25 -14.27 -8.07 -23.83
CA TRP B 25 -15.29 -7.00 -24.00
C TRP B 25 -16.16 -7.20 -25.24
N GLN B 26 -15.52 -7.58 -26.35
CA GLN B 26 -16.21 -7.78 -27.63
C GLN B 26 -17.10 -9.04 -27.61
N PHE B 27 -16.65 -10.10 -26.93
CA PHE B 27 -17.50 -11.29 -26.71
C PHE B 27 -18.79 -10.90 -25.99
N ILE B 28 -18.63 -10.12 -24.91
CA ILE B 28 -19.74 -9.72 -24.04
C ILE B 28 -20.75 -8.86 -24.80
N LYS B 29 -20.25 -7.83 -25.46
CA LYS B 29 -21.08 -6.94 -26.27
C LYS B 29 -21.85 -7.74 -27.34
N GLU B 30 -21.09 -8.47 -28.16
CA GLU B 30 -21.65 -9.16 -29.32
C GLU B 30 -22.57 -10.33 -28.96
N LYS B 31 -22.15 -11.16 -28.01
CA LYS B 31 -22.80 -12.45 -27.75
C LYS B 31 -23.65 -12.52 -26.46
N LEU B 32 -23.43 -11.61 -25.51
CA LEU B 32 -24.19 -11.60 -24.24
C LEU B 32 -25.14 -10.42 -24.08
N ILE B 33 -24.82 -9.26 -24.63
CA ILE B 33 -25.62 -8.04 -24.42
C ILE B 33 -26.67 -7.84 -25.53
N LEU B 34 -26.22 -7.43 -26.71
CA LEU B 34 -27.14 -6.90 -27.73
C LEU B 34 -27.99 -7.88 -28.56
N PRO B 35 -27.78 -9.22 -28.39
CA PRO B 35 -28.83 -10.12 -28.87
C PRO B 35 -30.07 -10.18 -27.95
N HIS B 36 -29.95 -9.71 -26.70
CA HIS B 36 -31.07 -9.63 -25.76
C HIS B 36 -31.45 -8.21 -25.33
N VAL B 37 -30.68 -7.21 -25.74
CA VAL B 37 -30.91 -5.82 -25.33
C VAL B 37 -30.72 -4.91 -26.54
N ASP B 38 -31.80 -4.29 -27.00
CA ASP B 38 -31.73 -3.27 -28.04
C ASP B 38 -31.34 -1.96 -27.35
N VAL B 39 -30.03 -1.71 -27.29
CA VAL B 39 -29.48 -0.53 -26.62
C VAL B 39 -28.58 0.25 -27.58
N GLN B 40 -28.75 1.57 -27.57
CA GLN B 40 -27.91 2.48 -28.36
C GLN B 40 -26.63 2.73 -27.57
N LEU B 41 -25.48 2.36 -28.16
CA LEU B 41 -24.18 2.59 -27.56
C LEU B 41 -23.49 3.75 -28.24
N LYS B 42 -23.16 4.79 -27.46
CA LYS B 42 -22.25 5.84 -27.92
C LYS B 42 -20.82 5.29 -27.78
N TYR B 43 -20.30 4.80 -28.89
CA TYR B 43 -19.03 4.09 -28.91
C TYR B 43 -17.83 5.06 -28.94
N PHE B 44 -16.91 4.86 -27.99
CA PHE B 44 -15.63 5.57 -27.96
C PHE B 44 -14.52 4.53 -27.79
N ASP B 45 -13.68 4.40 -28.81
CA ASP B 45 -12.56 3.45 -28.78
C ASP B 45 -11.40 4.05 -27.97
N LEU B 46 -11.28 3.64 -26.71
CA LEU B 46 -10.14 4.03 -25.88
C LEU B 46 -9.02 2.98 -25.89
N GLY B 47 -9.04 2.09 -26.89
CA GLY B 47 -7.86 1.30 -27.24
C GLY B 47 -6.72 2.25 -27.58
N LEU B 48 -5.50 1.87 -27.19
CA LEU B 48 -4.34 2.74 -27.26
C LEU B 48 -4.03 3.26 -28.67
N PRO B 49 -4.21 2.42 -29.72
CA PRO B 49 -4.03 2.93 -31.09
C PRO B 49 -4.97 4.09 -31.47
N ASN B 50 -6.23 4.03 -31.05
CA ASN B 50 -7.18 5.10 -31.34
C ASN B 50 -6.94 6.36 -30.51
N ARG B 51 -6.59 6.19 -29.24
CA ARG B 51 -6.15 7.31 -28.40
C ARG B 51 -4.97 8.05 -29.04
N ASP B 52 -4.01 7.29 -29.56
CA ASP B 52 -2.84 7.84 -30.25
C ASP B 52 -3.25 8.55 -31.55
N GLN B 53 -4.08 7.88 -32.34
CA GLN B 53 -4.67 8.43 -33.58
C GLN B 53 -5.36 9.78 -33.36
N THR B 54 -6.08 9.92 -32.25
CA THR B 54 -6.89 11.12 -31.96
C THR B 54 -6.21 12.13 -31.01
N ASN B 55 -4.90 11.99 -30.77
CA ASN B 55 -4.18 12.81 -29.79
C ASN B 55 -4.80 12.79 -28.37
N ASP B 56 -5.35 11.63 -28.00
CA ASP B 56 -6.03 11.40 -26.73
C ASP B 56 -7.32 12.22 -26.52
N GLN B 57 -7.89 12.78 -27.59
CA GLN B 57 -9.10 13.60 -27.51
C GLN B 57 -10.33 12.73 -27.25
N VAL B 58 -10.34 11.54 -27.87
CA VAL B 58 -11.41 10.55 -27.67
C VAL B 58 -11.66 10.23 -26.19
N THR B 59 -10.60 10.25 -25.39
CA THR B 59 -10.70 10.09 -23.93
C THR B 59 -11.51 11.23 -23.29
N ILE B 60 -11.21 12.46 -23.69
CA ILE B 60 -11.94 13.65 -23.21
C ILE B 60 -13.39 13.60 -23.71
N ASP B 61 -13.58 13.25 -24.98
CA ASP B 61 -14.91 13.17 -25.59
C ASP B 61 -15.79 12.09 -24.96
N SER B 62 -15.19 10.98 -24.57
CA SER B 62 -15.91 9.92 -23.85
C SER B 62 -16.40 10.41 -22.48
N ALA B 63 -15.54 11.15 -21.77
CA ALA B 63 -15.89 11.72 -20.46
C ALA B 63 -17.03 12.74 -20.55
N LEU B 64 -16.94 13.64 -21.55
CA LEU B 64 -18.02 14.61 -21.81
C LEU B 64 -19.35 13.92 -22.09
N ALA B 65 -19.31 12.89 -22.94
CA ALA B 65 -20.50 12.12 -23.29
C ALA B 65 -21.12 11.38 -22.10
N THR B 66 -20.30 10.97 -21.13
CA THR B 66 -20.78 10.33 -19.91
C THR B 66 -21.56 11.32 -19.03
N GLN B 67 -21.11 12.58 -18.98
CA GLN B 67 -21.88 13.64 -18.30
C GLN B 67 -23.23 13.89 -18.98
N LYS B 68 -23.24 13.85 -20.31
CA LYS B 68 -24.46 14.08 -21.10
C LYS B 68 -25.53 13.01 -20.89
N TYR B 69 -25.13 11.74 -20.94
CA TYR B 69 -26.07 10.60 -20.84
C TYR B 69 -26.04 9.86 -19.48
N SER B 70 -25.17 10.28 -18.56
CA SER B 70 -25.10 9.77 -17.16
C SER B 70 -24.70 8.29 -16.93
N VAL B 71 -24.28 7.57 -17.96
CA VAL B 71 -23.89 6.15 -17.81
C VAL B 71 -22.75 5.81 -18.77
N ALA B 72 -21.66 5.28 -18.23
CA ALA B 72 -20.57 4.74 -19.01
C ALA B 72 -20.29 3.29 -18.61
N VAL B 73 -19.82 2.50 -19.58
CA VAL B 73 -19.24 1.18 -19.32
C VAL B 73 -17.86 1.16 -19.96
N LYS B 74 -16.83 0.88 -19.16
CA LYS B 74 -15.45 0.97 -19.63
C LYS B 74 -14.71 -0.38 -19.57
N CYS B 75 -13.96 -0.65 -20.63
CA CYS B 75 -13.02 -1.77 -20.69
C CYS B 75 -11.69 -1.31 -20.13
N ALA B 76 -10.93 -2.24 -19.54
CA ALA B 76 -9.60 -1.92 -19.00
C ALA B 76 -8.67 -1.46 -20.13
N THR B 77 -7.87 -0.44 -19.84
CA THR B 77 -7.00 0.20 -20.83
C THR B 77 -5.53 0.16 -20.43
N ILE B 78 -4.66 0.32 -21.42
CA ILE B 78 -3.22 0.50 -21.20
C ILE B 78 -2.95 1.98 -20.95
N THR B 79 -2.21 2.27 -19.88
CA THR B 79 -1.60 3.58 -19.70
C THR B 79 -0.14 3.44 -20.15
N PRO B 80 0.33 4.35 -21.03
CA PRO B 80 1.72 4.24 -21.52
C PRO B 80 2.82 4.46 -20.47
N ASP B 81 3.90 3.71 -20.60
CA ASP B 81 5.20 4.06 -20.02
C ASP B 81 6.20 4.14 -21.20
N GLU B 82 7.48 3.85 -20.98
CA GLU B 82 8.48 3.95 -22.04
C GLU B 82 8.40 2.78 -23.02
N ALA B 83 8.16 1.58 -22.48
CA ALA B 83 8.01 0.35 -23.28
C ALA B 83 6.80 0.40 -24.23
N ARG B 84 5.70 1.02 -23.78
CA ARG B 84 4.49 1.15 -24.60
C ARG B 84 4.67 2.13 -25.77
N VAL B 85 5.52 3.14 -25.58
CA VAL B 85 5.89 4.06 -26.67
C VAL B 85 6.64 3.30 -27.77
N GLU B 86 7.56 2.42 -27.37
CA GLU B 86 8.25 1.52 -28.32
C GLU B 86 7.29 0.57 -29.00
N GLU B 87 6.53 -0.19 -28.20
CA GLU B 87 5.54 -1.17 -28.69
C GLU B 87 4.63 -0.62 -29.78
N PHE B 88 3.89 0.43 -29.45
CA PHE B 88 2.85 0.98 -30.30
C PHE B 88 3.33 2.12 -31.23
N LYS B 89 4.59 2.53 -31.08
CA LYS B 89 5.18 3.62 -31.87
C LYS B 89 4.34 4.90 -31.70
N LEU B 90 4.19 5.29 -30.44
CA LEU B 90 3.30 6.39 -30.06
C LEU B 90 3.93 7.75 -30.35
N LYS B 91 3.07 8.73 -30.63
CA LYS B 91 3.50 10.11 -30.85
C LYS B 91 4.03 10.73 -29.56
N LYS B 92 3.28 10.51 -28.47
CA LYS B 92 3.61 11.01 -27.14
C LYS B 92 3.46 9.89 -26.11
N MET B 93 3.94 10.15 -24.89
CA MET B 93 3.64 9.28 -23.76
C MET B 93 2.36 9.83 -23.12
N TRP B 94 1.23 9.29 -23.58
CA TRP B 94 -0.09 9.77 -23.15
C TRP B 94 -0.32 9.44 -21.68
N LYS B 95 -1.26 10.16 -21.07
CA LYS B 95 -1.57 9.98 -19.65
C LYS B 95 -2.59 8.87 -19.48
N SER B 96 -2.83 8.50 -18.22
CA SER B 96 -3.87 7.54 -17.87
C SER B 96 -5.24 8.01 -18.33
N PRO B 97 -5.93 7.22 -19.17
CA PRO B 97 -7.28 7.63 -19.57
C PRO B 97 -8.28 7.57 -18.41
N ASN B 98 -8.09 6.64 -17.48
CA ASN B 98 -8.87 6.60 -16.24
C ASN B 98 -8.67 7.86 -15.41
N GLY B 99 -7.42 8.32 -15.31
CA GLY B 99 -7.09 9.60 -14.69
C GLY B 99 -7.86 10.76 -15.31
N THR B 100 -7.77 10.87 -16.64
CA THR B 100 -8.44 11.93 -17.40
C THR B 100 -9.96 11.85 -17.29
N ILE B 101 -10.51 10.64 -17.34
CA ILE B 101 -11.95 10.41 -17.17
C ILE B 101 -12.41 10.78 -15.76
N ARG B 102 -11.76 10.20 -14.76
CA ARG B 102 -12.10 10.46 -13.35
C ARG B 102 -11.97 11.94 -12.95
N ASN B 103 -10.98 12.63 -13.52
CA ASN B 103 -10.76 14.06 -13.27
C ASN B 103 -11.87 14.96 -13.80
N ILE B 104 -12.45 14.61 -14.95
CA ILE B 104 -13.55 15.39 -15.53
C ILE B 104 -14.86 15.11 -14.78
N LEU B 105 -15.15 13.82 -14.57
CA LEU B 105 -16.41 13.40 -13.93
C LEU B 105 -16.44 13.64 -12.43
N GLY B 106 -15.31 13.39 -11.75
CA GLY B 106 -15.23 13.50 -10.29
C GLY B 106 -15.95 12.36 -9.58
N GLY B 107 -15.82 12.32 -8.25
CA GLY B 107 -16.55 11.38 -7.40
C GLY B 107 -15.70 10.38 -6.64
N THR B 108 -16.34 9.29 -6.22
CA THR B 108 -15.69 8.20 -5.48
C THR B 108 -15.84 6.89 -6.28
N VAL B 109 -14.77 6.11 -6.36
CA VAL B 109 -14.78 4.79 -7.00
C VAL B 109 -15.01 3.73 -5.93
N PHE B 110 -16.22 3.17 -5.89
CA PHE B 110 -16.57 2.14 -4.91
C PHE B 110 -16.22 0.76 -5.45
N ARG B 111 -15.50 -0.03 -4.66
CA ARG B 111 -14.99 -1.33 -5.08
C ARG B 111 -15.25 -2.39 -4.02
N GLU B 112 -15.84 -3.52 -4.43
CA GLU B 112 -16.16 -4.61 -3.51
C GLU B 112 -16.04 -5.97 -4.20
N PRO B 113 -15.87 -7.05 -3.40
CA PRO B 113 -15.76 -8.38 -4.01
C PRO B 113 -17.09 -8.89 -4.57
N ILE B 114 -17.00 -9.80 -5.54
CA ILE B 114 -18.14 -10.55 -6.04
C ILE B 114 -18.00 -11.92 -5.40
N ILE B 115 -18.96 -12.28 -4.55
CA ILE B 115 -18.83 -13.42 -3.65
C ILE B 115 -19.53 -14.66 -4.23
N CYS B 116 -18.78 -15.76 -4.30
CA CYS B 116 -19.31 -17.07 -4.67
C CYS B 116 -19.05 -18.01 -3.51
N LYS B 117 -20.10 -18.70 -3.04
CA LYS B 117 -20.00 -19.72 -1.97
C LYS B 117 -18.92 -20.79 -2.18
N ASN B 118 -18.49 -20.95 -3.43
CA ASN B 118 -17.64 -22.04 -3.88
C ASN B 118 -16.13 -21.81 -3.71
N ILE B 119 -15.73 -20.57 -3.35
CA ILE B 119 -14.35 -20.11 -3.50
C ILE B 119 -13.72 -19.80 -2.13
N PRO B 120 -12.74 -20.63 -1.68
CA PRO B 120 -12.02 -20.29 -0.45
C PRO B 120 -11.20 -19.00 -0.59
N ARG B 121 -11.32 -18.14 0.41
CA ARG B 121 -10.57 -16.88 0.46
C ARG B 121 -9.07 -17.15 0.69
N LEU B 122 -8.23 -16.21 0.25
CA LEU B 122 -6.82 -16.19 0.64
C LEU B 122 -6.65 -15.62 2.03
N VAL B 123 -7.58 -14.76 2.45
CA VAL B 123 -7.69 -14.30 3.84
C VAL B 123 -8.95 -14.95 4.43
N PRO B 124 -8.80 -16.12 5.09
CA PRO B 124 -9.92 -16.81 5.75
C PRO B 124 -10.74 -16.00 6.74
N GLY B 125 -10.11 -15.03 7.41
CA GLY B 125 -10.79 -14.20 8.41
C GLY B 125 -11.94 -13.33 7.91
N TRP B 126 -11.84 -12.88 6.65
CA TRP B 126 -12.85 -11.97 6.07
C TRP B 126 -14.19 -12.66 5.78
N THR B 127 -14.99 -12.90 6.82
CA THR B 127 -16.29 -13.58 6.66
C THR B 127 -17.38 -12.67 6.07
N LYS B 128 -17.21 -11.35 6.20
CA LYS B 128 -18.09 -10.37 5.53
C LYS B 128 -17.32 -9.63 4.42
N PRO B 129 -18.04 -9.07 3.43
CA PRO B 129 -17.36 -8.25 2.42
C PRO B 129 -16.90 -6.88 2.94
N ILE B 130 -15.95 -6.29 2.23
CA ILE B 130 -15.41 -4.97 2.54
C ILE B 130 -15.50 -4.12 1.27
N THR B 131 -15.94 -2.86 1.44
CA THR B 131 -15.99 -1.91 0.34
C THR B 131 -14.93 -0.84 0.55
N ILE B 132 -14.19 -0.52 -0.51
CA ILE B 132 -13.25 0.60 -0.51
C ILE B 132 -13.90 1.76 -1.28
N GLY B 133 -14.06 2.89 -0.60
CA GLY B 133 -14.40 4.16 -1.25
C GLY B 133 -13.10 4.85 -1.62
N ARG B 134 -12.75 4.80 -2.91
CA ARG B 134 -11.50 5.38 -3.39
C ARG B 134 -11.75 6.77 -3.97
N HIS B 135 -11.02 7.76 -3.46
CA HIS B 135 -11.10 9.13 -3.95
C HIS B 135 -10.57 9.19 -5.38
N ALA B 136 -11.38 9.71 -6.30
CA ALA B 136 -11.09 9.67 -7.73
C ALA B 136 -10.34 10.88 -8.29
N HIS B 137 -9.88 11.80 -7.43
CA HIS B 137 -9.29 13.06 -7.90
C HIS B 137 -7.95 13.39 -7.21
N GLY B 138 -7.08 14.06 -7.97
CA GLY B 138 -5.88 14.68 -7.42
C GLY B 138 -4.79 13.70 -7.03
N ASP B 139 -3.88 14.18 -6.17
CA ASP B 139 -2.73 13.41 -5.70
C ASP B 139 -1.88 12.93 -6.88
N GLN B 140 -1.46 11.66 -6.91
CA GLN B 140 -0.50 11.17 -7.91
C GLN B 140 -1.04 11.26 -9.34
N TYR B 141 -2.36 11.16 -9.48
CA TYR B 141 -3.02 11.11 -10.79
C TYR B 141 -3.21 12.47 -11.45
N LYS B 142 -2.86 13.56 -10.76
CA LYS B 142 -2.81 14.90 -11.35
C LYS B 142 -1.45 15.59 -11.14
N ALA B 143 -0.42 14.81 -10.82
CA ALA B 143 0.89 15.34 -10.46
C ALA B 143 1.67 15.84 -11.66
N THR B 144 2.59 16.75 -11.41
CA THR B 144 3.61 17.16 -12.38
C THR B 144 4.95 16.62 -11.87
N ASP B 145 5.52 15.66 -12.58
CA ASP B 145 6.83 15.08 -12.23
C ASP B 145 7.84 15.29 -13.34
N PHE B 146 9.11 15.09 -13.01
CA PHE B 146 10.21 15.34 -13.96
C PHE B 146 11.51 14.66 -13.54
N VAL B 147 12.35 14.41 -14.53
CA VAL B 147 13.72 13.93 -14.33
C VAL B 147 14.62 15.15 -14.13
N VAL B 148 15.39 15.13 -13.05
CA VAL B 148 16.48 16.09 -12.84
C VAL B 148 17.74 15.45 -13.42
N ASP B 149 18.25 16.04 -14.51
CA ASP B 149 19.43 15.50 -15.22
C ASP B 149 20.68 16.38 -15.11
N ARG B 150 20.62 17.39 -14.25
CA ARG B 150 21.77 18.24 -13.93
C ARG B 150 21.56 18.87 -12.57
N ALA B 151 22.62 19.44 -12.01
CA ALA B 151 22.54 20.10 -10.71
C ALA B 151 21.61 21.31 -10.77
N GLY B 152 20.93 21.58 -9.67
CA GLY B 152 19.96 22.68 -9.60
C GLY B 152 19.07 22.58 -8.38
N THR B 153 18.29 23.63 -8.14
CA THR B 153 17.42 23.73 -6.97
C THR B 153 15.96 23.59 -7.37
N PHE B 154 15.23 22.72 -6.67
CA PHE B 154 13.81 22.48 -6.88
C PHE B 154 13.05 23.18 -5.76
N LYS B 155 12.12 24.06 -6.12
CA LYS B 155 11.30 24.77 -5.14
C LYS B 155 9.81 24.78 -5.50
N LEU B 156 9.00 25.06 -4.47
CA LEU B 156 7.56 25.25 -4.61
C LEU B 156 7.27 26.73 -4.42
N VAL B 157 6.29 27.25 -5.16
CA VAL B 157 5.89 28.66 -5.04
C VAL B 157 4.36 28.80 -5.08
N PHE B 158 3.80 29.39 -4.03
CA PHE B 158 2.38 29.75 -4.03
C PHE B 158 2.22 31.27 -4.11
N THR B 159 1.48 31.72 -5.13
CA THR B 159 1.20 33.14 -5.38
C THR B 159 -0.30 33.38 -5.24
N PRO B 160 -0.74 33.96 -4.11
CA PRO B 160 -2.16 34.27 -3.88
C PRO B 160 -2.80 35.17 -4.95
N LYS B 161 -4.07 34.90 -5.25
CA LYS B 161 -4.82 35.58 -6.31
C LYS B 161 -5.19 37.03 -5.94
N ASP B 162 -5.43 37.29 -4.65
CA ASP B 162 -5.92 38.60 -4.18
C ASP B 162 -4.83 39.43 -3.47
N GLY B 163 -3.60 39.37 -3.96
CA GLY B 163 -2.52 40.28 -3.53
C GLY B 163 -1.76 39.97 -2.24
N SER B 164 -2.08 38.85 -1.58
CA SER B 164 -1.37 38.45 -0.35
C SER B 164 0.09 38.06 -0.63
N SER B 165 0.88 38.02 0.44
CA SER B 165 2.30 37.64 0.38
C SER B 165 2.49 36.23 -0.20
N ALA B 166 3.34 36.13 -1.23
CA ALA B 166 3.63 34.85 -1.86
C ALA B 166 4.63 34.07 -1.02
N LYS B 167 4.54 32.73 -1.06
CA LYS B 167 5.38 31.85 -0.26
C LYS B 167 6.21 30.94 -1.16
N GLU B 168 7.48 30.77 -0.80
CA GLU B 168 8.37 29.82 -1.49
C GLU B 168 8.97 28.82 -0.50
N TRP B 169 9.12 27.58 -0.95
CA TRP B 169 9.71 26.50 -0.17
C TRP B 169 10.78 25.81 -0.99
N GLU B 170 12.00 25.70 -0.45
CA GLU B 170 13.05 24.90 -1.09
C GLU B 170 12.77 23.41 -0.80
N VAL B 171 12.67 22.62 -1.86
CA VAL B 171 12.43 21.18 -1.75
C VAL B 171 13.76 20.46 -1.60
N TYR B 172 14.67 20.72 -2.54
CA TYR B 172 16.03 20.15 -2.50
C TYR B 172 16.98 20.88 -3.45
N ASN B 173 18.21 21.10 -2.98
CA ASN B 173 19.32 21.47 -3.84
C ASN B 173 19.95 20.18 -4.35
N PHE B 174 19.76 19.89 -5.64
CA PHE B 174 20.34 18.71 -6.27
C PHE B 174 21.80 18.96 -6.63
N PRO B 175 22.74 18.15 -6.08
CA PRO B 175 24.11 18.20 -6.58
C PRO B 175 24.29 17.46 -7.91
N ALA B 176 23.55 16.37 -8.10
CA ALA B 176 23.64 15.52 -9.30
C ALA B 176 22.22 15.19 -9.80
N GLY B 177 22.06 14.10 -10.54
CA GLY B 177 20.75 13.69 -11.05
C GLY B 177 19.78 13.19 -10.01
N GLY B 178 18.50 13.17 -10.38
CA GLY B 178 17.43 12.73 -9.47
C GLY B 178 16.05 12.86 -10.08
N VAL B 179 15.02 12.94 -9.23
CA VAL B 179 13.64 13.15 -9.66
C VAL B 179 12.90 14.07 -8.70
N GLY B 180 11.97 14.86 -9.25
CA GLY B 180 11.11 15.74 -8.47
C GLY B 180 9.67 15.61 -8.92
N MET B 181 8.74 15.97 -8.04
CA MET B 181 7.32 16.02 -8.39
C MET B 181 6.55 16.97 -7.49
N GLY B 182 5.43 17.47 -8.00
CA GLY B 182 4.48 18.25 -7.21
C GLY B 182 3.07 17.73 -7.45
N MET B 183 2.26 17.67 -6.39
CA MET B 183 0.87 17.25 -6.51
C MET B 183 -0.03 18.06 -5.58
N TYR B 184 -1.34 17.90 -5.78
CA TYR B 184 -2.34 18.69 -5.05
C TYR B 184 -3.67 17.97 -4.89
N ASN B 185 -4.50 18.52 -4.04
CA ASN B 185 -5.92 18.18 -3.99
C ASN B 185 -6.69 19.38 -3.45
N THR B 186 -8.01 19.33 -3.50
CA THR B 186 -8.87 20.46 -3.18
C THR B 186 -9.84 20.17 -2.03
N ASP B 187 -10.16 21.21 -1.26
CA ASP B 187 -11.19 21.15 -0.21
C ASP B 187 -12.53 20.64 -0.75
N GLU B 188 -12.91 21.13 -1.94
CA GLU B 188 -14.17 20.77 -2.58
C GLU B 188 -14.21 19.27 -2.95
N SER B 189 -13.12 18.76 -3.51
CA SER B 189 -13.03 17.34 -3.88
C SER B 189 -13.02 16.41 -2.66
N ILE B 190 -12.24 16.77 -1.64
CA ILE B 190 -12.12 15.97 -0.41
C ILE B 190 -13.43 15.96 0.38
N SER B 191 -14.14 17.10 0.39
CA SER B 191 -15.46 17.18 1.03
C SER B 191 -16.48 16.23 0.39
N GLY B 192 -16.52 16.23 -0.95
CA GLY B 192 -17.39 15.31 -1.69
C GLY B 192 -17.03 13.85 -1.48
N PHE B 193 -15.72 13.58 -1.42
CA PHE B 193 -15.19 12.25 -1.07
C PHE B 193 -15.67 11.79 0.31
N ALA B 194 -15.66 12.70 1.27
CA ALA B 194 -16.16 12.41 2.62
C ALA B 194 -17.65 12.12 2.60
N HIS B 195 -18.42 13.03 2.01
CA HIS B 195 -19.87 12.87 1.89
C HIS B 195 -20.28 11.52 1.27
N SER B 196 -19.63 11.14 0.18
CA SER B 196 -19.90 9.85 -0.49
C SER B 196 -19.67 8.66 0.45
N CYS B 197 -18.55 8.68 1.16
CA CYS B 197 -18.17 7.59 2.05
C CYS B 197 -19.03 7.51 3.31
N PHE B 198 -19.39 8.66 3.88
CA PHE B 198 -20.30 8.70 5.03
C PHE B 198 -21.70 8.22 4.65
N GLN B 199 -22.20 8.70 3.52
CA GLN B 199 -23.54 8.32 3.03
C GLN B 199 -23.64 6.82 2.70
N TYR B 200 -22.66 6.32 1.95
CA TYR B 200 -22.56 4.88 1.65
C TYR B 200 -22.49 4.02 2.92
N SER B 201 -21.77 4.49 3.94
CA SER B 201 -21.66 3.79 5.21
C SER B 201 -23.00 3.66 5.95
N ILE B 202 -23.77 4.75 5.97
CA ILE B 202 -25.09 4.76 6.62
C ILE B 202 -26.08 3.85 5.87
N GLN B 203 -26.03 3.86 4.54
CA GLN B 203 -26.81 2.92 3.72
C GLN B 203 -26.54 1.48 4.15
N LYS B 204 -25.26 1.11 4.16
CA LYS B 204 -24.84 -0.26 4.47
C LYS B 204 -24.95 -0.65 5.94
N LYS B 205 -25.13 0.33 6.84
CA LYS B 205 -25.15 0.10 8.28
C LYS B 205 -23.80 -0.45 8.76
N TRP B 206 -22.73 0.11 8.20
CA TRP B 206 -21.36 -0.31 8.48
C TRP B 206 -20.55 0.88 9.02
N PRO B 207 -19.51 0.59 9.84
CA PRO B 207 -18.58 1.66 10.24
C PRO B 207 -17.66 2.10 9.10
N LEU B 208 -17.12 3.31 9.23
CA LEU B 208 -16.24 3.91 8.22
C LEU B 208 -14.85 4.16 8.79
N TYR B 209 -13.82 3.86 8.00
CA TYR B 209 -12.44 4.18 8.33
C TYR B 209 -11.80 4.99 7.20
N LEU B 210 -11.13 6.09 7.56
CA LEU B 210 -10.26 6.85 6.65
C LEU B 210 -8.81 6.54 6.98
N SER B 211 -8.01 6.24 5.96
CA SER B 211 -6.57 6.04 6.09
C SER B 211 -5.77 7.20 5.48
N THR B 212 -4.84 7.76 6.26
CA THR B 212 -3.85 8.73 5.77
C THR B 212 -2.51 8.45 6.46
N LYS B 213 -1.52 9.30 6.20
CA LYS B 213 -0.28 9.36 6.99
C LYS B 213 -0.09 10.80 7.47
N ASN B 214 -1.03 11.26 8.31
CA ASN B 214 -1.01 12.64 8.80
C ASN B 214 0.14 12.97 9.76
N THR B 215 0.74 11.95 10.37
CA THR B 215 1.93 12.14 11.22
C THR B 215 3.19 12.59 10.44
N ILE B 216 3.29 12.17 9.17
CA ILE B 216 4.41 12.54 8.29
C ILE B 216 4.04 13.70 7.37
N LEU B 217 2.90 13.59 6.70
CA LEU B 217 2.37 14.67 5.86
C LEU B 217 1.39 15.50 6.68
N GLN B 218 1.94 16.37 7.53
CA GLN B 218 1.16 17.09 8.55
C GLN B 218 0.07 17.97 7.96
N ALA B 219 0.40 18.71 6.91
CA ALA B 219 -0.54 19.63 6.27
C ALA B 219 -1.43 18.89 5.28
N TYR B 220 -0.79 18.18 4.35
CA TYR B 220 -1.48 17.52 3.23
C TYR B 220 -2.50 16.49 3.73
N ASP B 221 -2.00 15.49 4.46
CA ASP B 221 -2.86 14.42 4.97
C ASP B 221 -3.70 14.86 6.16
N GLY B 222 -3.21 15.84 6.94
CA GLY B 222 -4.01 16.46 8.00
C GLY B 222 -5.28 17.12 7.52
N ARG B 223 -5.23 17.72 6.32
CA ARG B 223 -6.40 18.34 5.70
C ARG B 223 -7.53 17.33 5.45
N PHE B 224 -7.16 16.13 4.99
CA PHE B 224 -8.11 15.02 4.81
C PHE B 224 -8.77 14.65 6.13
N LYS B 225 -7.93 14.46 7.15
CA LYS B 225 -8.38 14.12 8.51
C LYS B 225 -9.34 15.16 9.09
N ASP B 226 -9.02 16.43 8.90
CA ASP B 226 -9.84 17.52 9.45
C ASP B 226 -11.19 17.66 8.74
N ILE B 227 -11.19 17.59 7.41
CA ILE B 227 -12.42 17.79 6.63
C ILE B 227 -13.40 16.64 6.90
N PHE B 228 -12.91 15.40 6.87
CA PHE B 228 -13.71 14.23 7.26
C PHE B 228 -14.33 14.36 8.66
N GLN B 229 -13.56 14.89 9.61
CA GLN B 229 -14.03 15.01 11.00
C GLN B 229 -15.09 16.11 11.16
N GLU B 230 -14.87 17.25 10.49
CA GLU B 230 -15.83 18.36 10.50
C GLU B 230 -17.16 17.94 9.89
N ILE B 231 -17.09 17.32 8.71
CA ILE B 231 -18.27 16.83 8.00
C ILE B 231 -18.99 15.71 8.78
N PHE B 232 -18.21 14.85 9.44
CA PHE B 232 -18.80 13.83 10.31
C PHE B 232 -19.63 14.47 11.42
N ASP B 233 -19.02 15.41 12.14
CA ASP B 233 -19.67 16.07 13.29
C ASP B 233 -20.85 16.96 12.89
N LYS B 234 -20.80 17.56 11.70
CA LYS B 234 -21.86 18.45 11.24
C LYS B 234 -23.05 17.72 10.61
N HIS B 235 -22.79 16.65 9.85
CA HIS B 235 -23.84 16.02 9.03
C HIS B 235 -24.21 14.57 9.35
N TYR B 236 -23.31 13.79 9.95
CA TYR B 236 -23.49 12.33 10.07
C TYR B 236 -23.37 11.70 11.48
N LYS B 237 -22.70 12.37 12.41
CA LYS B 237 -22.44 11.81 13.74
C LYS B 237 -23.69 11.26 14.44
N THR B 238 -24.78 12.03 14.41
CA THR B 238 -26.06 11.62 15.01
C THR B 238 -26.59 10.32 14.39
N ASP B 239 -26.59 10.26 13.06
CA ASP B 239 -27.09 9.09 12.32
C ASP B 239 -26.21 7.85 12.52
N PHE B 240 -24.90 8.04 12.61
CA PHE B 240 -23.98 6.95 12.93
C PHE B 240 -24.23 6.35 14.32
N ASP B 241 -24.38 7.23 15.32
CA ASP B 241 -24.67 6.81 16.70
C ASP B 241 -26.02 6.09 16.82
N LYS B 242 -27.04 6.65 16.18
CA LYS B 242 -28.39 6.04 16.14
C LYS B 242 -28.38 4.64 15.49
N ASN B 243 -27.51 4.43 14.52
CA ASN B 243 -27.38 3.13 13.83
C ASN B 243 -26.27 2.22 14.37
N LYS B 244 -25.74 2.52 15.56
CA LYS B 244 -24.73 1.71 16.25
C LYS B 244 -23.43 1.52 15.44
N ILE B 245 -23.09 2.48 14.59
CA ILE B 245 -21.87 2.46 13.78
C ILE B 245 -21.00 3.64 14.18
N TRP B 246 -19.77 3.66 13.66
CA TRP B 246 -18.78 4.67 14.06
C TRP B 246 -17.88 5.06 12.90
N TYR B 247 -17.22 6.21 13.07
CA TYR B 247 -16.17 6.66 12.16
C TYR B 247 -14.88 6.87 12.96
N GLU B 248 -13.77 6.38 12.40
CA GLU B 248 -12.44 6.57 12.99
C GLU B 248 -11.41 6.84 11.91
N HIS B 249 -10.43 7.69 12.25
CA HIS B 249 -9.26 7.88 11.41
C HIS B 249 -8.15 6.94 11.89
N ARG B 250 -7.37 6.44 10.95
CA ARG B 250 -6.21 5.58 11.25
C ARG B 250 -5.08 5.83 10.28
N LEU B 251 -3.84 5.64 10.76
CA LEU B 251 -2.67 5.71 9.90
C LEU B 251 -2.71 4.55 8.92
N ILE B 252 -2.45 4.83 7.64
CA ILE B 252 -2.53 3.83 6.56
C ILE B 252 -1.84 2.51 6.92
N ASP B 253 -0.64 2.58 7.50
CA ASP B 253 0.09 1.37 7.90
C ASP B 253 -0.62 0.61 9.04
N ASP B 254 -1.16 1.34 10.02
CA ASP B 254 -1.99 0.73 11.06
C ASP B 254 -3.28 0.13 10.46
N MET B 255 -3.89 0.86 9.53
CA MET B 255 -5.17 0.45 8.93
C MET B 255 -5.08 -0.88 8.17
N VAL B 256 -4.11 -0.99 7.28
CA VAL B 256 -3.98 -2.20 6.45
C VAL B 256 -3.74 -3.47 7.28
N ALA B 257 -3.02 -3.33 8.38
CA ALA B 257 -2.87 -4.42 9.37
C ALA B 257 -4.22 -4.77 10.02
N GLN B 258 -4.99 -3.74 10.40
CA GLN B 258 -6.33 -3.97 10.95
C GLN B 258 -7.27 -4.67 9.96
N VAL B 259 -7.17 -4.30 8.67
CA VAL B 259 -8.02 -4.90 7.64
C VAL B 259 -7.74 -6.39 7.49
N LEU B 260 -6.46 -6.73 7.38
CA LEU B 260 -6.02 -8.11 7.22
C LEU B 260 -6.44 -9.01 8.40
N LYS B 261 -6.49 -8.42 9.60
CA LYS B 261 -6.91 -9.12 10.83
C LYS B 261 -8.43 -9.10 11.07
N SER B 262 -9.15 -8.18 10.44
CA SER B 262 -10.61 -8.04 10.64
C SER B 262 -11.41 -9.22 10.06
N SER B 263 -12.72 -9.18 10.27
CA SER B 263 -13.66 -10.09 9.63
C SER B 263 -14.59 -9.34 8.66
N GLY B 264 -14.13 -8.21 8.13
CA GLY B 264 -14.90 -7.41 7.19
C GLY B 264 -16.04 -6.63 7.82
N GLY B 265 -17.03 -6.30 6.99
CA GLY B 265 -18.22 -5.58 7.45
C GLY B 265 -17.98 -4.12 7.75
N PHE B 266 -17.24 -3.43 6.88
CA PHE B 266 -16.97 -2.01 7.03
C PHE B 266 -16.64 -1.35 5.70
N VAL B 267 -16.79 -0.03 5.67
CA VAL B 267 -16.42 0.79 4.53
C VAL B 267 -15.02 1.33 4.82
N TRP B 268 -14.18 1.36 3.78
CA TRP B 268 -12.80 1.81 3.90
C TRP B 268 -12.54 2.95 2.92
N ALA B 269 -12.58 4.18 3.44
CA ALA B 269 -12.24 5.36 2.66
C ALA B 269 -10.74 5.40 2.42
N CYS B 270 -10.33 5.36 1.15
CA CYS B 270 -8.92 5.38 0.76
C CYS B 270 -8.66 6.57 -0.15
N LYS B 271 -7.50 7.20 0.04
CA LYS B 271 -7.00 8.22 -0.88
C LYS B 271 -6.71 7.57 -2.24
N ASN B 272 -6.56 8.41 -3.26
CA ASN B 272 -6.49 7.93 -4.65
C ASN B 272 -5.46 6.83 -4.85
N TYR B 273 -4.23 7.08 -4.40
CA TYR B 273 -3.15 6.10 -4.52
C TYR B 273 -3.43 4.85 -3.71
N ASP B 274 -3.80 5.01 -2.44
CA ASP B 274 -4.08 3.89 -1.55
C ASP B 274 -5.19 2.99 -2.08
N GLY B 275 -6.27 3.60 -2.57
CA GLY B 275 -7.40 2.86 -3.13
C GLY B 275 -7.07 1.97 -4.31
N ASP B 276 -6.09 2.40 -5.13
CA ASP B 276 -5.59 1.58 -6.24
C ASP B 276 -4.89 0.32 -5.74
N VAL B 277 -3.97 0.52 -4.80
CA VAL B 277 -3.14 -0.57 -4.27
C VAL B 277 -3.99 -1.52 -3.43
N GLN B 278 -4.78 -0.94 -2.53
CA GLN B 278 -5.55 -1.74 -1.56
C GLN B 278 -6.74 -2.49 -2.17
N SER B 279 -7.34 -1.95 -3.23
CA SER B 279 -8.44 -2.64 -3.92
C SER B 279 -8.03 -3.96 -4.57
N ASP B 280 -6.78 -4.03 -5.06
CA ASP B 280 -6.23 -5.28 -5.60
C ASP B 280 -5.89 -6.30 -4.50
N ILE B 281 -5.36 -5.81 -3.36
CA ILE B 281 -5.22 -6.63 -2.13
C ILE B 281 -6.56 -7.24 -1.72
N LEU B 282 -7.61 -6.42 -1.79
CA LEU B 282 -8.94 -6.82 -1.33
C LEU B 282 -9.56 -7.89 -2.25
N ALA B 283 -9.57 -7.60 -3.56
CA ALA B 283 -10.09 -8.55 -4.55
C ALA B 283 -9.38 -9.89 -4.50
N GLN B 284 -8.05 -9.84 -4.43
CA GLN B 284 -7.23 -11.05 -4.39
C GLN B 284 -7.45 -11.86 -3.12
N GLY B 285 -7.64 -11.16 -1.99
CA GLY B 285 -7.85 -11.82 -0.70
C GLY B 285 -9.18 -12.54 -0.58
N PHE B 286 -10.23 -11.97 -1.19
CA PHE B 286 -11.54 -12.61 -1.25
C PHE B 286 -11.61 -13.76 -2.27
N GLY B 287 -10.70 -13.77 -3.25
CA GLY B 287 -10.61 -14.88 -4.20
C GLY B 287 -9.85 -14.59 -5.48
N SER B 288 -10.20 -13.49 -6.14
CA SER B 288 -9.59 -13.15 -7.44
C SER B 288 -9.78 -11.70 -7.84
N LEU B 289 -8.86 -11.23 -8.69
CA LEU B 289 -9.00 -9.93 -9.37
C LEU B 289 -10.22 -9.90 -10.30
N GLY B 290 -10.59 -11.06 -10.85
CA GLY B 290 -11.79 -11.19 -11.69
C GLY B 290 -13.12 -11.11 -10.96
N LEU B 291 -13.10 -11.24 -9.63
CA LEU B 291 -14.30 -11.16 -8.81
C LEU B 291 -14.34 -9.87 -7.99
N MET B 292 -14.42 -8.74 -8.69
CA MET B 292 -14.57 -7.44 -8.06
C MET B 292 -15.30 -6.48 -9.01
N THR B 293 -16.21 -5.67 -8.45
CA THR B 293 -16.85 -4.58 -9.18
C THR B 293 -16.12 -3.27 -8.92
N SER B 294 -16.36 -2.30 -9.80
CA SER B 294 -15.78 -0.96 -9.67
C SER B 294 -16.70 0.07 -10.34
N VAL B 295 -17.24 0.99 -9.54
CA VAL B 295 -18.20 2.00 -10.01
C VAL B 295 -17.77 3.38 -9.54
N LEU B 296 -17.49 4.27 -10.48
CA LEU B 296 -17.29 5.69 -10.18
C LEU B 296 -18.65 6.36 -9.99
N VAL B 297 -18.98 6.68 -8.75
CA VAL B 297 -20.23 7.38 -8.43
C VAL B 297 -19.92 8.88 -8.36
N CYS B 298 -20.46 9.65 -9.32
CA CYS B 298 -20.24 11.09 -9.36
C CYS B 298 -21.06 11.84 -8.30
N PRO B 299 -20.65 13.07 -7.93
CA PRO B 299 -21.36 13.88 -6.92
C PRO B 299 -22.85 14.13 -7.16
N ASP B 300 -23.24 14.41 -8.40
CA ASP B 300 -24.63 14.76 -8.75
C ASP B 300 -25.71 13.72 -8.36
N GLY B 301 -25.30 12.46 -8.18
CA GLY B 301 -26.21 11.37 -7.79
C GLY B 301 -26.93 10.73 -8.96
N LYS B 302 -26.37 10.88 -10.17
CA LYS B 302 -26.96 10.34 -11.40
C LYS B 302 -25.92 9.72 -12.35
N THR B 303 -24.81 10.43 -12.58
CA THR B 303 -23.76 9.95 -13.49
C THR B 303 -22.90 8.88 -12.83
N ILE B 304 -22.69 7.76 -13.55
CA ILE B 304 -21.72 6.75 -13.14
C ILE B 304 -20.84 6.28 -14.30
N GLU B 305 -19.69 5.71 -13.95
CA GLU B 305 -18.82 4.99 -14.88
C GLU B 305 -18.50 3.64 -14.24
N ALA B 306 -18.93 2.55 -14.87
CA ALA B 306 -18.65 1.19 -14.40
C ALA B 306 -17.46 0.62 -15.16
N GLU B 307 -16.59 -0.11 -14.45
CA GLU B 307 -15.36 -0.66 -15.01
C GLU B 307 -14.96 -1.96 -14.33
N ALA B 308 -13.95 -2.61 -14.91
CA ALA B 308 -13.24 -3.70 -14.26
C ALA B 308 -12.03 -3.08 -13.56
N ALA B 309 -11.98 -3.18 -12.24
CA ALA B 309 -10.87 -2.65 -11.43
C ALA B 309 -9.50 -3.16 -11.90
N HIS B 310 -9.42 -4.45 -12.20
CA HIS B 310 -8.18 -5.07 -12.69
C HIS B 310 -7.69 -4.48 -14.00
N GLY B 311 -6.45 -4.79 -14.35
CA GLY B 311 -5.84 -4.27 -15.57
C GLY B 311 -6.29 -4.98 -16.83
N THR B 312 -5.46 -4.89 -17.86
CA THR B 312 -5.73 -5.50 -19.16
C THR B 312 -5.31 -6.97 -19.23
N VAL B 313 -4.67 -7.47 -18.17
CA VAL B 313 -4.18 -8.85 -18.06
C VAL B 313 -3.12 -9.12 -19.16
N THR B 314 -2.11 -8.25 -19.19
CA THR B 314 -1.07 -8.27 -20.22
C THR B 314 -0.35 -9.63 -20.32
N ARG B 315 -0.07 -10.25 -19.18
CA ARG B 315 0.60 -11.57 -19.17
C ARG B 315 -0.23 -12.71 -19.78
N HIS B 316 -1.55 -12.69 -19.58
CA HIS B 316 -2.45 -13.64 -20.27
C HIS B 316 -2.56 -13.30 -21.77
N TYR B 317 -2.45 -12.02 -22.11
CA TYR B 317 -2.50 -11.58 -23.51
C TYR B 317 -1.28 -12.04 -24.34
N ARG B 318 -0.09 -12.06 -23.74
CA ARG B 318 1.12 -12.53 -24.43
C ARG B 318 1.05 -14.01 -24.81
N GLU B 319 0.47 -14.82 -23.92
CA GLU B 319 0.24 -16.24 -24.20
C GLU B 319 -0.81 -16.41 -25.31
N HIS B 320 -1.92 -15.68 -25.20
CA HIS B 320 -3.00 -15.72 -26.20
C HIS B 320 -2.57 -15.24 -27.59
N GLN B 321 -1.67 -14.26 -27.64
CA GLN B 321 -1.10 -13.78 -28.91
C GLN B 321 -0.38 -14.88 -29.69
N LYS B 322 0.49 -15.63 -29.01
CA LYS B 322 1.26 -16.72 -29.61
C LYS B 322 0.52 -18.08 -29.63
N GLY B 323 -0.81 -18.07 -29.43
CA GLY B 323 -1.62 -19.28 -29.52
C GLY B 323 -1.55 -20.24 -28.35
N ARG B 324 -0.91 -19.83 -27.25
CA ARG B 324 -0.76 -20.69 -26.06
C ARG B 324 -2.07 -20.78 -25.27
N PRO B 325 -2.20 -21.81 -24.40
CA PRO B 325 -3.40 -21.93 -23.56
C PRO B 325 -3.60 -20.76 -22.59
N THR B 326 -4.85 -20.31 -22.47
CA THR B 326 -5.22 -19.12 -21.70
C THR B 326 -6.54 -19.37 -20.97
N SER B 327 -6.67 -18.78 -19.79
CA SER B 327 -7.88 -18.92 -18.96
C SER B 327 -8.05 -17.67 -18.09
N THR B 328 -8.60 -16.62 -18.70
CA THR B 328 -8.75 -15.32 -18.06
C THR B 328 -10.18 -15.15 -17.54
N ASN B 329 -10.32 -14.70 -16.29
CA ASN B 329 -11.62 -14.53 -15.65
C ASN B 329 -12.35 -13.29 -16.19
N PRO B 330 -13.51 -13.49 -16.87
CA PRO B 330 -14.24 -12.38 -17.46
C PRO B 330 -15.33 -11.75 -16.57
N ILE B 331 -15.53 -12.24 -15.35
CA ILE B 331 -16.72 -11.89 -14.56
C ILE B 331 -16.75 -10.39 -14.21
N ALA B 332 -15.63 -9.83 -13.77
CA ALA B 332 -15.56 -8.38 -13.48
C ALA B 332 -15.93 -7.52 -14.71
N SER B 333 -15.49 -7.96 -15.89
CA SER B 333 -15.81 -7.27 -17.15
C SER B 333 -17.30 -7.35 -17.52
N ILE B 334 -17.93 -8.49 -17.21
CA ILE B 334 -19.37 -8.66 -17.39
C ILE B 334 -20.13 -7.76 -16.42
N PHE B 335 -19.70 -7.76 -15.15
CA PHE B 335 -20.31 -6.92 -14.12
C PHE B 335 -20.18 -5.40 -14.35
N ALA B 336 -19.21 -4.99 -15.17
CA ALA B 336 -19.15 -3.61 -15.64
C ALA B 336 -20.34 -3.30 -16.56
N TRP B 337 -20.67 -4.25 -17.44
CA TRP B 337 -21.86 -4.13 -18.30
C TRP B 337 -23.16 -4.16 -17.50
N THR B 338 -23.29 -5.08 -16.54
CA THR B 338 -24.54 -5.25 -15.79
C THR B 338 -24.85 -4.05 -14.87
N ARG B 339 -23.83 -3.52 -14.21
CA ARG B 339 -24.02 -2.31 -13.38
C ARG B 339 -24.27 -1.07 -14.24
N GLY B 340 -23.70 -1.05 -15.45
CA GLY B 340 -24.01 -0.01 -16.42
C GLY B 340 -25.46 -0.05 -16.87
N LEU B 341 -25.94 -1.24 -17.22
CA LEU B 341 -27.31 -1.43 -17.69
C LEU B 341 -28.32 -1.27 -16.54
N GLU B 342 -28.04 -1.86 -15.38
CA GLU B 342 -28.91 -1.70 -14.20
C GLU B 342 -29.17 -0.23 -13.87
N HIS B 343 -28.12 0.59 -13.93
CA HIS B 343 -28.26 2.04 -13.65
C HIS B 343 -29.03 2.77 -14.76
N ARG B 344 -28.73 2.45 -16.02
CA ARG B 344 -29.50 2.96 -17.17
C ARG B 344 -30.98 2.63 -16.98
N GLY B 345 -31.26 1.38 -16.63
CA GLY B 345 -32.62 0.92 -16.33
C GLY B 345 -33.28 1.64 -15.17
N LYS B 346 -32.51 1.88 -14.10
CA LYS B 346 -33.02 2.59 -12.93
C LYS B 346 -33.36 4.05 -13.23
N LEU B 347 -32.52 4.72 -14.03
CA LEU B 347 -32.80 6.10 -14.47
C LEU B 347 -34.07 6.22 -15.31
N ASP B 348 -34.26 5.30 -16.26
CA ASP B 348 -35.40 5.33 -17.17
C ASP B 348 -36.70 4.74 -16.59
N GLY B 349 -36.59 3.98 -15.51
CA GLY B 349 -37.70 3.16 -15.02
C GLY B 349 -37.96 1.95 -15.90
N ASN B 350 -36.89 1.38 -16.46
CA ASN B 350 -36.95 0.23 -17.37
C ASN B 350 -36.74 -1.04 -16.54
N GLN B 351 -37.84 -1.71 -16.19
CA GLN B 351 -37.81 -2.82 -15.23
C GLN B 351 -37.23 -4.10 -15.82
N ASP B 352 -37.54 -4.38 -17.08
CA ASP B 352 -37.00 -5.54 -17.80
C ASP B 352 -35.48 -5.47 -17.95
N LEU B 353 -34.97 -4.25 -18.16
CA LEU B 353 -33.54 -4.02 -18.31
C LEU B 353 -32.79 -4.17 -16.97
N ILE B 354 -33.44 -3.82 -15.86
CA ILE B 354 -32.91 -4.10 -14.52
C ILE B 354 -32.85 -5.61 -14.27
N ARG B 355 -33.94 -6.31 -14.60
CA ARG B 355 -34.01 -7.76 -14.39
C ARG B 355 -33.00 -8.55 -15.21
N PHE B 356 -32.81 -8.15 -16.48
CA PHE B 356 -31.80 -8.77 -17.35
C PHE B 356 -30.40 -8.67 -16.74
N ALA B 357 -30.04 -7.47 -16.29
CA ALA B 357 -28.73 -7.20 -15.68
C ALA B 357 -28.47 -8.09 -14.48
N GLN B 358 -29.47 -8.16 -13.59
CA GLN B 358 -29.38 -9.00 -12.39
C GLN B 358 -29.39 -10.51 -12.70
N THR B 359 -30.11 -10.90 -13.75
CA THR B 359 -30.11 -12.28 -14.24
C THR B 359 -28.72 -12.69 -14.74
N LEU B 360 -28.05 -11.80 -15.46
CA LEU B 360 -26.68 -12.07 -15.94
C LEU B 360 -25.67 -12.16 -14.80
N GLU B 361 -25.87 -11.39 -13.73
CA GLU B 361 -25.03 -11.48 -12.53
C GLU B 361 -25.23 -12.81 -11.81
N LYS B 362 -26.48 -13.22 -11.64
CA LYS B 362 -26.81 -14.54 -11.06
C LYS B 362 -26.25 -15.70 -11.89
N VAL B 363 -26.33 -15.60 -13.22
CA VAL B 363 -25.74 -16.60 -14.11
C VAL B 363 -24.23 -16.76 -13.88
N CYS B 364 -23.50 -15.64 -13.79
CA CYS B 364 -22.06 -15.67 -13.54
C CYS B 364 -21.70 -16.39 -12.24
N VAL B 365 -22.39 -16.01 -11.16
CA VAL B 365 -22.14 -16.57 -9.83
C VAL B 365 -22.57 -18.03 -9.76
N GLN B 366 -23.75 -18.34 -10.31
CA GLN B 366 -24.24 -19.73 -10.36
C GLN B 366 -23.45 -20.64 -11.30
N THR B 367 -22.82 -20.06 -12.33
CA THR B 367 -21.93 -20.83 -13.21
C THR B 367 -20.67 -21.28 -12.46
N VAL B 368 -20.06 -20.36 -11.71
CA VAL B 368 -18.91 -20.69 -10.85
C VAL B 368 -19.31 -21.64 -9.72
N GLU B 369 -20.45 -21.36 -9.08
CA GLU B 369 -20.95 -22.21 -7.99
C GLU B 369 -21.39 -23.62 -8.43
N SER B 370 -21.66 -23.81 -9.72
CA SER B 370 -21.94 -25.15 -10.28
C SER B 370 -20.69 -25.95 -10.66
N GLY B 371 -19.51 -25.34 -10.63
CA GLY B 371 -18.24 -26.03 -10.88
C GLY B 371 -17.55 -25.73 -12.20
N ALA B 372 -18.16 -24.89 -13.04
CA ALA B 372 -17.52 -24.42 -14.28
C ALA B 372 -16.84 -23.08 -13.98
N MET B 373 -15.52 -23.01 -14.18
CA MET B 373 -14.74 -21.81 -13.82
C MET B 373 -13.43 -21.68 -14.58
N THR B 374 -12.84 -20.49 -14.50
CA THR B 374 -11.51 -20.20 -15.05
C THR B 374 -10.42 -20.61 -14.06
N LYS B 375 -9.17 -20.64 -14.54
CA LYS B 375 -8.03 -21.20 -13.78
C LYS B 375 -7.83 -20.58 -12.39
N ASP B 376 -7.84 -19.25 -12.33
CA ASP B 376 -7.66 -18.51 -11.06
C ASP B 376 -8.58 -19.01 -9.94
N LEU B 377 -9.85 -19.28 -10.28
CA LEU B 377 -10.85 -19.72 -9.30
C LEU B 377 -10.69 -21.19 -8.94
N ALA B 378 -10.33 -22.02 -9.92
CA ALA B 378 -9.99 -23.43 -9.67
C ALA B 378 -8.83 -23.58 -8.70
N GLY B 379 -7.84 -22.69 -8.85
CA GLY B 379 -6.67 -22.65 -7.98
C GLY B 379 -6.98 -22.37 -6.52
N CYS B 380 -7.97 -21.52 -6.26
CA CYS B 380 -8.44 -21.24 -4.90
C CYS B 380 -8.95 -22.51 -4.20
N ILE B 381 -9.62 -23.37 -4.95
CA ILE B 381 -10.18 -24.63 -4.42
C ILE B 381 -9.12 -25.72 -4.33
N HIS B 382 -8.48 -26.02 -5.45
CA HIS B 382 -7.57 -27.18 -5.56
C HIS B 382 -6.08 -26.87 -5.34
N GLY B 383 -5.72 -25.59 -5.29
CA GLY B 383 -4.31 -25.18 -5.32
C GLY B 383 -3.84 -25.00 -6.76
N LEU B 384 -3.25 -23.85 -7.06
CA LEU B 384 -2.78 -23.51 -8.42
C LEU B 384 -1.77 -24.50 -9.02
N SER B 385 -0.94 -25.11 -8.16
CA SER B 385 0.08 -26.07 -8.63
C SER B 385 -0.47 -27.47 -8.96
N ASN B 386 -1.75 -27.74 -8.69
CA ASN B 386 -2.40 -29.01 -9.03
C ASN B 386 -3.54 -28.94 -10.05
N VAL B 387 -3.98 -27.74 -10.43
CA VAL B 387 -5.04 -27.59 -11.45
C VAL B 387 -4.54 -27.98 -12.85
N LYS B 388 -5.48 -28.32 -13.73
CA LYS B 388 -5.18 -28.89 -15.05
C LYS B 388 -6.31 -28.58 -16.02
N LEU B 389 -5.95 -28.25 -17.27
CA LEU B 389 -6.90 -27.83 -18.31
C LEU B 389 -7.99 -28.88 -18.55
N ASN B 390 -9.25 -28.42 -18.55
CA ASN B 390 -10.45 -29.26 -18.77
C ASN B 390 -10.78 -30.33 -17.71
N GLU B 391 -9.91 -30.49 -16.70
CA GLU B 391 -10.17 -31.37 -15.57
C GLU B 391 -10.75 -30.51 -14.44
N HIS B 392 -10.01 -29.46 -14.06
CA HIS B 392 -10.40 -28.56 -12.97
C HIS B 392 -10.97 -27.21 -13.44
N PHE B 393 -10.49 -26.70 -14.58
CA PHE B 393 -10.93 -25.42 -15.12
C PHE B 393 -11.19 -25.46 -16.64
N LEU B 394 -11.80 -24.38 -17.15
CA LEU B 394 -12.10 -24.22 -18.56
C LEU B 394 -11.28 -23.09 -19.19
N ASN B 395 -11.21 -23.12 -20.52
CA ASN B 395 -10.70 -22.00 -21.32
C ASN B 395 -11.44 -20.68 -21.08
N THR B 396 -10.85 -19.60 -21.61
CA THR B 396 -11.50 -18.30 -21.63
C THR B 396 -12.77 -18.39 -22.48
N THR B 397 -12.63 -18.92 -23.70
CA THR B 397 -13.75 -19.08 -24.63
C THR B 397 -14.80 -20.08 -24.14
N ASP B 398 -14.35 -21.24 -23.65
CA ASP B 398 -15.26 -22.28 -23.15
C ASP B 398 -16.02 -21.84 -21.91
N PHE B 399 -15.38 -21.04 -21.05
CA PHE B 399 -16.07 -20.47 -19.89
C PHE B 399 -17.09 -19.41 -20.33
N LEU B 400 -16.70 -18.56 -21.28
CA LEU B 400 -17.62 -17.56 -21.84
C LEU B 400 -18.80 -18.19 -22.59
N ASP B 401 -18.55 -19.28 -23.33
CA ASP B 401 -19.64 -20.07 -23.96
C ASP B 401 -20.57 -20.68 -22.92
N THR B 402 -20.01 -21.13 -21.79
CA THR B 402 -20.81 -21.62 -20.66
C THR B 402 -21.70 -20.53 -20.09
N ILE B 403 -21.17 -19.31 -19.96
CA ILE B 403 -21.99 -18.15 -19.55
C ILE B 403 -23.07 -17.89 -20.61
N LYS B 404 -22.68 -17.91 -21.88
CA LYS B 404 -23.61 -17.70 -23.00
C LYS B 404 -24.75 -18.74 -23.01
N SER B 405 -24.39 -20.01 -22.85
CA SER B 405 -25.37 -21.11 -22.80
C SER B 405 -26.33 -20.99 -21.61
N ASN B 406 -25.77 -20.74 -20.42
CA ASN B 406 -26.59 -20.61 -19.20
C ASN B 406 -27.47 -19.37 -19.18
N LEU B 407 -27.00 -18.27 -19.79
CA LEU B 407 -27.79 -17.05 -19.92
C LEU B 407 -29.02 -17.27 -20.79
N ASP B 408 -28.82 -17.90 -21.96
CA ASP B 408 -29.92 -18.21 -22.88
C ASP B 408 -30.95 -19.15 -22.23
N ARG B 409 -30.46 -20.11 -21.45
CA ARG B 409 -31.33 -21.01 -20.69
C ARG B 409 -32.07 -20.30 -19.56
N ALA B 410 -31.40 -19.35 -18.89
CA ALA B 410 -31.97 -18.63 -17.75
C ALA B 410 -33.20 -17.80 -18.10
N LEU B 411 -33.08 -16.93 -19.10
CA LEU B 411 -34.21 -16.12 -19.58
C LEU B 411 -35.14 -16.88 -20.53
N GLY B 412 -34.70 -18.06 -20.99
CA GLY B 412 -35.59 -19.05 -21.60
C GLY B 412 -36.62 -19.55 -20.59
N LYS B 413 -36.17 -19.82 -19.36
CA LYS B 413 -37.05 -20.19 -18.26
C LYS B 413 -37.84 -18.97 -17.77
MG MG C . 4.90 1.65 9.72
C1 ICT D . 7.74 2.74 10.64
O1 ICT D . 8.99 2.83 10.73
O2 ICT D . 7.19 1.83 9.97
C2 ICT D . 6.87 3.74 11.33
O7 ICT D . 5.51 3.62 10.88
C3 ICT D . 7.35 5.17 11.08
C4 ICT D . 6.58 6.12 12.01
C5 ICT D . 7.18 7.51 12.03
O3 ICT D . 6.42 8.46 12.35
O4 ICT D . 8.39 7.65 11.77
C6 ICT D . 7.21 5.56 9.62
O5 ICT D . 6.16 6.13 9.25
O6 ICT D . 8.13 5.29 8.82
MG MG E . -5.49 -1.05 -9.69
C1 ICT F . -7.25 0.75 -11.76
O1 ICT F . -7.14 0.13 -10.68
O2 ICT F . -8.29 1.39 -12.04
C2 ICT F . -6.11 0.74 -12.73
O7 ICT F . -4.93 0.16 -12.13
C3 ICT F . -5.78 2.15 -13.22
C4 ICT F . -4.75 2.08 -14.36
C5 ICT F . -4.35 3.45 -14.88
O3 ICT F . -5.15 4.40 -14.80
O4 ICT F . -3.20 3.56 -15.36
C6 ICT F . -5.33 3.00 -12.06
O5 ICT F . -6.18 3.69 -11.47
O6 ICT F . -4.12 2.99 -11.72
#